data_5S83
#
_entry.id   5S83
#
_cell.length_a   127.234
_cell.length_b   84.725
_cell.length_c   87.992
_cell.angle_alpha   90.000
_cell.angle_beta   131.010
_cell.angle_gamma   90.000
#
_symmetry.space_group_name_H-M   'C 1 2 1'
#
loop_
_entity.id
_entity.type
_entity.pdbx_description
1 polymer 'Activin receptor type-1'
2 non-polymer 4-methyl-3-[4-(1-methylpiperidin-4-yl)phenyl]-5-(3,4,5-trimethoxyphenyl)pyridine
3 non-polymer 1,2-ETHANEDIOL
4 non-polymer 'DIMETHYL SULFOXIDE'
5 non-polymer 'L(+)-TARTARIC ACID'
6 non-polymer 'cyclobutylboronic acid'
7 non-polymer 'SULFATE ION'
8 water water
#
_entity_poly.entity_id   1
_entity_poly.type   'polypeptide(L)'
_entity_poly.pdbx_seq_one_letter_code
;SMQRTVARDITLLECVGKGRYGEVWRGSWQGENVAVKIFSSRDEKSWFRETELYNTVMLRHENILGFIASDMTSRHSSTQ
LWLITHYHEMGSLYDYLQLTTLDTVSCLRIVLSIASGLAHLHIEIFGTQGKPAIAHRDLKSKNILVKKNGQCCIADLGLA
VMHSQSTNQLDVGNNPRVGTKRYMAPEVLDETIQVDCFDSYKRVDIWAFGLVLWEVARRMVSNGIVEDYKPPFYDVVPND
PSFEDMRKVVCVDQQRPNIPNRWFSDPTLTSLAKLMKECWYQNPSARLTALRIKKTLTKID
;
_entity_poly.pdbx_strand_id   A,B
#
loop_
_chem_comp.id
_chem_comp.type
_chem_comp.name
_chem_comp.formula
DMS non-polymer 'DIMETHYL SULFOXIDE' 'C2 H6 O S'
EDO non-polymer 1,2-ETHANEDIOL 'C2 H6 O2'
LU8 non-polymer 4-methyl-3-[4-(1-methylpiperidin-4-yl)phenyl]-5-(3,4,5-trimethoxyphenyl)pyridine 'C27 H32 N2 O3'
SO4 non-polymer 'SULFATE ION' 'O4 S -2'
TLA non-polymer 'L(+)-TARTARIC ACID' 'C4 H6 O6'
XJY non-polymer 'cyclobutylboronic acid' 'C4 H9 B O2'
#
# COMPACT_ATOMS: atom_id res chain seq x y z
N ARG A 4 0.45 38.78 16.95
CA ARG A 4 0.87 37.59 17.76
C ARG A 4 2.41 37.52 17.83
N THR A 5 2.90 36.91 18.89
CA THR A 5 4.32 36.63 19.14
C THR A 5 4.70 35.37 18.35
N VAL A 6 5.74 35.46 17.53
CA VAL A 6 6.34 34.30 16.82
C VAL A 6 7.66 33.98 17.50
N ALA A 7 7.64 32.97 18.39
CA ALA A 7 8.79 32.52 19.20
C ALA A 7 9.70 31.69 18.31
N ARG A 8 10.87 32.22 18.01
CA ARG A 8 11.84 31.61 17.06
C ARG A 8 13.14 31.27 17.80
N ASP A 9 13.32 31.72 19.04
CA ASP A 9 14.56 31.39 19.78
C ASP A 9 14.61 29.87 19.95
N ILE A 10 15.75 29.28 19.58
CA ILE A 10 16.13 27.89 19.97
C ILE A 10 17.37 27.98 20.85
N THR A 11 17.33 27.40 22.04
CA THR A 11 18.51 27.23 22.91
C THR A 11 19.31 26.01 22.42
N LEU A 12 20.55 26.21 21.99
CA LEU A 12 21.43 25.09 21.60
C LEU A 12 22.11 24.55 22.85
N LEU A 13 21.89 23.28 23.20
CA LEU A 13 22.24 22.76 24.53
C LEU A 13 23.49 21.88 24.43
N GLU A 14 23.57 20.98 23.46
CA GLU A 14 24.78 20.13 23.32
C GLU A 14 24.95 19.69 21.88
N CYS A 15 26.21 19.66 21.44
CA CYS A 15 26.55 19.19 20.10
C CYS A 15 26.53 17.65 20.11
N VAL A 16 25.73 17.03 19.24
CA VAL A 16 25.59 15.54 19.19
C VAL A 16 26.18 15.02 17.89
N GLY A 17 26.78 15.87 17.07
CA GLY A 17 27.41 15.44 15.82
C GLY A 17 28.18 16.56 15.19
N LYS A 18 29.35 16.25 14.62
CA LYS A 18 30.19 17.23 13.90
C LYS A 18 30.85 16.49 12.75
N GLY A 19 30.89 17.09 11.57
CA GLY A 19 31.50 16.49 10.38
C GLY A 19 31.72 17.52 9.32
N ARG A 20 32.01 17.07 8.11
CA ARG A 20 32.18 17.94 6.93
C ARG A 20 30.83 18.65 6.66
N TYR A 21 29.68 18.02 6.94
CA TYR A 21 28.32 18.62 6.71
C TYR A 21 28.11 19.86 7.59
N GLY A 22 28.86 20.00 8.70
CA GLY A 22 28.53 20.97 9.74
C GLY A 22 28.38 20.31 11.10
N GLU A 23 27.37 20.73 11.87
CA GLU A 23 27.11 20.18 13.23
C GLU A 23 25.63 19.88 13.41
N VAL A 24 25.32 18.90 14.28
CA VAL A 24 23.94 18.74 14.80
C VAL A 24 23.96 18.97 16.31
N TRP A 25 23.00 19.74 16.76
CA TRP A 25 22.80 20.13 18.18
C TRP A 25 21.47 19.63 18.68
N ARG A 26 21.46 19.14 19.90
CA ARG A 26 20.22 19.07 20.69
C ARG A 26 19.87 20.50 21.08
N GLY A 27 18.63 20.90 20.84
CA GLY A 27 18.19 22.25 21.19
C GLY A 27 16.85 22.18 21.85
N SER A 28 16.41 23.33 22.29
CA SER A 28 15.15 23.44 23.05
C SER A 28 14.34 24.54 22.39
N TRP A 29 13.09 24.24 22.04
CA TRP A 29 12.12 25.28 21.63
C TRP A 29 10.86 25.17 22.47
N GLN A 30 10.49 26.21 23.22
CA GLN A 30 9.21 26.20 23.98
C GLN A 30 9.12 24.95 24.85
N GLY A 31 10.22 24.57 25.49
CA GLY A 31 10.26 23.47 26.46
C GLY A 31 10.57 22.10 25.85
N GLU A 32 10.56 21.98 24.52
CA GLU A 32 10.60 20.71 23.75
C GLU A 32 11.97 20.50 23.10
N ASN A 33 12.51 19.30 23.15
CA ASN A 33 13.75 18.98 22.43
C ASN A 33 13.50 19.08 20.91
N VAL A 34 14.45 19.68 20.23
CA VAL A 34 14.53 19.65 18.75
C VAL A 34 15.97 19.32 18.40
N ALA A 35 16.21 18.88 17.19
CA ALA A 35 17.56 18.70 16.64
C ALA A 35 17.81 19.82 15.63
N VAL A 36 18.98 20.45 15.70
CA VAL A 36 19.29 21.57 14.81
C VAL A 36 20.54 21.19 14.05
N LYS A 37 20.42 21.03 12.74
CA LYS A 37 21.56 20.78 11.86
C LYS A 37 21.99 22.13 11.32
N ILE A 38 23.21 22.52 11.62
CA ILE A 38 23.84 23.79 11.16
C ILE A 38 24.76 23.42 10.01
N PHE A 39 24.46 23.84 8.81
CA PHE A 39 25.24 23.44 7.61
C PHE A 39 26.54 24.23 7.48
N SER A 40 27.60 23.51 7.14
CA SER A 40 28.86 24.12 6.63
C SER A 40 28.60 24.81 5.29
N SER A 41 29.42 25.81 4.97
CA SER A 41 29.39 26.45 3.64
C SER A 41 29.56 25.35 2.59
N ARG A 42 30.40 24.35 2.90
CA ARG A 42 30.80 23.22 2.03
C ARG A 42 29.54 22.50 1.53
N ASP A 43 28.51 22.44 2.37
CA ASP A 43 27.36 21.53 2.16
C ASP A 43 26.04 22.30 2.09
N GLU A 44 26.09 23.56 1.67
CA GLU A 44 24.86 24.38 1.53
C GLU A 44 23.88 23.69 0.57
N LYS A 45 24.31 22.99 -0.47
CA LYS A 45 23.37 22.45 -1.45
C LYS A 45 22.50 21.37 -0.79
N SER A 46 22.98 20.72 0.25
CA SER A 46 22.16 19.70 0.98
C SER A 46 20.99 20.40 1.67
N TRP A 47 21.24 21.56 2.30
CA TRP A 47 20.12 22.33 2.89
C TRP A 47 19.12 22.72 1.80
N PHE A 48 19.58 23.27 0.69
CA PHE A 48 18.68 23.67 -0.43
C PHE A 48 17.86 22.49 -0.90
N ARG A 49 18.48 21.31 -1.08
CA ARG A 49 17.72 20.15 -1.62
C ARG A 49 16.68 19.67 -0.61
N GLU A 50 17.02 19.55 0.67
CA GLU A 50 16.05 19.14 1.69
C GLU A 50 14.88 20.13 1.70
N THR A 51 15.22 21.42 1.68
CA THR A 51 14.22 22.52 1.76
C THR A 51 13.33 22.44 0.49
N GLU A 52 13.93 22.30 -0.69
CA GLU A 52 13.12 22.23 -1.93
C GLU A 52 12.19 21.04 -1.89
N LEU A 53 12.67 19.90 -1.40
CA LEU A 53 11.81 18.69 -1.31
C LEU A 53 10.60 18.96 -0.39
N TYR A 54 10.86 19.49 0.81
CA TYR A 54 9.80 19.73 1.82
C TYR A 54 8.84 20.84 1.39
N ASN A 55 9.31 21.75 0.53
CA ASN A 55 8.46 22.81 -0.06
C ASN A 55 7.58 22.18 -1.14
N THR A 56 8.00 21.04 -1.71
CA THR A 56 7.23 20.29 -2.73
C THR A 56 6.24 19.33 -2.09
N VAL A 57 6.65 18.61 -1.05
CA VAL A 57 5.81 17.61 -0.36
C VAL A 57 6.20 17.63 1.11
N MET A 58 5.21 17.84 1.99
CA MET A 58 5.51 17.83 3.44
C MET A 58 5.45 16.37 3.92
N LEU A 59 6.59 15.68 3.85
CA LEU A 59 6.57 14.23 4.21
C LEU A 59 6.20 14.12 5.68
N ARG A 60 5.33 13.19 5.99
CA ARG A 60 4.91 12.89 7.36
C ARG A 60 4.76 11.38 7.49
N HIS A 61 5.73 10.75 8.12
CA HIS A 61 5.70 9.27 8.26
C HIS A 61 6.45 8.89 9.52
N GLU A 62 5.97 7.93 10.29
CA GLU A 62 6.61 7.56 11.57
C GLU A 62 8.05 7.07 11.36
N ASN A 63 8.44 6.64 10.16
CA ASN A 63 9.82 6.15 9.94
C ASN A 63 10.65 7.09 9.06
N ILE A 64 10.21 8.34 8.94
N ILE A 64 10.24 8.35 8.98
CA ILE A 64 10.98 9.47 8.33
CA ILE A 64 11.08 9.42 8.37
C ILE A 64 11.26 10.49 9.44
C ILE A 64 11.26 10.52 9.40
N LEU A 65 12.50 10.92 9.64
CA LEU A 65 12.79 11.95 10.65
C LEU A 65 11.87 13.16 10.44
N GLY A 66 11.20 13.58 11.47
CA GLY A 66 10.12 14.60 11.35
C GLY A 66 10.62 16.01 11.15
N PHE A 67 10.23 16.63 10.02
CA PHE A 67 10.58 18.04 9.72
C PHE A 67 9.86 19.00 10.65
N ILE A 68 10.60 20.00 11.11
CA ILE A 68 9.99 21.13 11.83
C ILE A 68 10.22 22.42 11.02
N ALA A 69 11.46 22.75 10.63
CA ALA A 69 11.72 24.05 10.00
C ALA A 69 13.01 24.04 9.19
N SER A 70 13.05 24.89 8.16
CA SER A 70 14.26 25.31 7.46
C SER A 70 14.44 26.81 7.64
N ASP A 71 15.60 27.20 8.17
CA ASP A 71 15.87 28.61 8.48
C ASP A 71 17.11 29.08 7.75
N MET A 72 16.96 30.20 7.06
CA MET A 72 18.10 30.95 6.48
C MET A 72 18.15 32.30 7.20
N THR A 73 19.29 32.62 7.83
CA THR A 73 19.47 33.90 8.54
C THR A 73 20.66 34.62 7.91
N SER A 74 20.46 35.87 7.57
CA SER A 74 21.51 36.78 7.04
C SER A 74 22.49 37.08 8.18
N ARG A 75 23.77 36.90 7.92
CA ARG A 75 24.88 37.33 8.84
C ARG A 75 25.67 38.41 8.11
N HIS A 76 26.57 39.11 8.82
CA HIS A 76 27.33 40.27 8.27
C HIS A 76 27.96 39.85 6.94
N SER A 77 28.69 38.73 6.96
CA SER A 77 29.60 38.29 5.88
C SER A 77 29.17 36.93 5.31
N SER A 78 28.08 36.34 5.80
CA SER A 78 27.69 34.95 5.41
C SER A 78 26.18 34.74 5.59
N THR A 79 25.71 33.60 5.09
CA THR A 79 24.33 33.12 5.31
C THR A 79 24.39 31.89 6.22
N GLN A 80 23.57 31.84 7.27
CA GLN A 80 23.50 30.71 8.24
C GLN A 80 22.30 29.84 7.86
N LEU A 81 22.51 28.53 7.72
CA LEU A 81 21.46 27.61 7.25
C LEU A 81 21.24 26.55 8.32
N TRP A 82 20.01 26.45 8.83
CA TRP A 82 19.62 25.47 9.86
C TRP A 82 18.48 24.60 9.33
N LEU A 83 18.53 23.30 9.61
CA LEU A 83 17.39 22.39 9.43
C LEU A 83 17.02 21.93 10.83
N ILE A 84 15.77 22.11 11.18
CA ILE A 84 15.25 21.76 12.53
C ILE A 84 14.30 20.57 12.38
N THR A 85 14.57 19.51 13.15
CA THR A 85 13.76 18.29 13.12
C THR A 85 13.38 17.87 14.53
N HIS A 86 12.56 16.83 14.60
CA HIS A 86 12.40 16.05 15.83
C HIS A 86 13.76 15.59 16.34
N TYR A 87 13.86 15.38 17.65
CA TYR A 87 15.07 14.92 18.35
C TYR A 87 14.86 13.51 18.87
N HIS A 88 15.74 12.59 18.49
CA HIS A 88 15.69 11.18 18.93
C HIS A 88 16.88 10.92 19.88
N GLU A 89 16.58 10.91 21.18
CA GLU A 89 17.68 10.95 22.18
C GLU A 89 18.54 9.67 22.10
N MET A 90 18.05 8.55 21.58
CA MET A 90 18.85 7.31 21.50
C MET A 90 19.91 7.38 20.42
N GLY A 91 19.85 8.37 19.54
CA GLY A 91 20.85 8.61 18.51
C GLY A 91 20.74 7.68 17.32
N SER A 92 21.79 7.57 16.54
CA SER A 92 21.74 6.85 15.25
C SER A 92 21.83 5.35 15.49
N LEU A 93 21.32 4.62 14.52
CA LEU A 93 21.44 3.13 14.52
C LEU A 93 22.91 2.72 14.57
N TYR A 94 23.79 3.44 13.87
CA TYR A 94 25.24 3.17 13.89
C TYR A 94 25.75 3.20 15.33
N ASP A 95 25.45 4.23 16.12
N ASP A 95 25.36 4.26 16.06
CA ASP A 95 25.99 4.24 17.51
CA ASP A 95 25.75 4.51 17.48
C ASP A 95 25.24 3.18 18.33
C ASP A 95 25.19 3.38 18.36
N TYR A 96 23.93 3.05 18.14
CA TYR A 96 23.14 2.12 18.98
C TYR A 96 23.72 0.72 18.86
N LEU A 97 24.06 0.30 17.65
CA LEU A 97 24.53 -1.09 17.43
C LEU A 97 25.91 -1.30 18.06
N GLN A 98 26.65 -0.25 18.41
CA GLN A 98 28.03 -0.44 18.91
C GLN A 98 28.00 -1.17 20.25
N LEU A 99 27.05 -0.78 21.08
CA LEU A 99 26.93 -1.06 22.55
C LEU A 99 25.57 -1.68 22.89
N THR A 100 24.83 -2.22 21.92
CA THR A 100 23.59 -2.97 22.16
C THR A 100 23.59 -4.23 21.28
N THR A 101 23.18 -5.35 21.86
CA THR A 101 22.76 -6.54 21.09
C THR A 101 21.24 -6.58 21.05
N LEU A 102 20.70 -7.37 20.13
CA LEU A 102 19.29 -7.40 19.77
C LEU A 102 18.73 -8.80 19.99
N ASP A 103 17.47 -8.91 20.33
CA ASP A 103 16.75 -10.20 20.20
C ASP A 103 15.98 -10.23 18.89
N THR A 104 15.32 -11.31 18.61
CA THR A 104 14.55 -11.51 17.37
C THR A 104 13.52 -10.41 17.17
N VAL A 105 12.71 -10.13 18.17
CA VAL A 105 11.63 -9.12 18.01
C VAL A 105 12.26 -7.74 17.74
N SER A 106 13.29 -7.35 18.49
N SER A 106 13.29 -7.33 18.48
CA SER A 106 13.95 -6.03 18.36
CA SER A 106 13.88 -5.98 18.30
C SER A 106 14.62 -5.89 16.99
C SER A 106 14.57 -5.90 16.94
N CYS A 107 15.25 -6.96 16.51
CA CYS A 107 15.92 -6.93 15.20
C CYS A 107 14.88 -6.74 14.10
N LEU A 108 13.83 -7.53 14.09
CA LEU A 108 12.80 -7.44 13.04
C LEU A 108 12.13 -6.06 13.09
N ARG A 109 11.88 -5.56 14.27
CA ARG A 109 11.18 -4.25 14.44
C ARG A 109 12.03 -3.14 13.81
N ILE A 110 13.32 -3.15 14.07
CA ILE A 110 14.28 -2.19 13.47
C ILE A 110 14.19 -2.29 11.94
N VAL A 111 14.42 -3.49 11.38
CA VAL A 111 14.59 -3.56 9.92
C VAL A 111 13.25 -3.35 9.21
N LEU A 112 12.14 -3.85 9.75
CA LEU A 112 10.83 -3.58 9.10
C LEU A 112 10.50 -2.07 9.20
N SER A 113 10.88 -1.39 10.27
CA SER A 113 10.59 0.09 10.35
C SER A 113 11.42 0.82 9.27
N ILE A 114 12.67 0.39 9.06
CA ILE A 114 13.49 1.04 8.00
C ILE A 114 12.84 0.79 6.63
N ALA A 115 12.48 -0.47 6.34
CA ALA A 115 11.82 -0.84 5.07
C ALA A 115 10.54 -0.04 4.87
N SER A 116 9.83 0.21 5.95
N SER A 116 9.81 0.21 5.95
CA SER A 116 8.57 0.98 5.92
CA SER A 116 8.55 1.00 5.90
C SER A 116 8.88 2.43 5.51
C SER A 116 8.86 2.44 5.52
N GLY A 117 9.88 3.05 6.14
CA GLY A 117 10.27 4.42 5.80
C GLY A 117 10.70 4.47 4.34
N LEU A 118 11.48 3.48 3.92
CA LEU A 118 12.05 3.49 2.58
C LEU A 118 10.97 3.31 1.54
N ALA A 119 10.04 2.37 1.77
CA ALA A 119 8.93 2.17 0.81
C ALA A 119 8.11 3.44 0.75
N HIS A 120 7.91 4.13 1.87
CA HIS A 120 7.15 5.40 1.83
C HIS A 120 7.87 6.41 0.93
N LEU A 121 9.19 6.56 1.06
CA LEU A 121 9.94 7.44 0.15
C LEU A 121 9.69 7.01 -1.30
N HIS A 122 9.86 5.74 -1.60
CA HIS A 122 9.91 5.25 -2.98
C HIS A 122 8.57 5.39 -3.71
N ILE A 123 7.44 5.33 -2.98
CA ILE A 123 6.12 5.16 -3.63
C ILE A 123 5.58 6.51 -4.08
N GLU A 124 5.12 6.60 -5.31
CA GLU A 124 4.35 7.77 -5.77
C GLU A 124 2.90 7.59 -5.32
N ILE A 125 2.33 8.62 -4.71
CA ILE A 125 0.89 8.64 -4.29
C ILE A 125 0.24 9.75 -5.10
N PHE A 126 -0.83 9.45 -5.82
CA PHE A 126 -1.57 10.45 -6.65
C PHE A 126 -2.58 11.20 -5.76
N GLY A 127 -2.86 12.47 -6.12
CA GLY A 127 -3.87 13.33 -5.47
C GLY A 127 -3.37 14.75 -5.26
N GLY A 130 -1.04 13.53 -1.85
CA GLY A 130 -0.09 12.55 -2.41
C GLY A 130 1.35 13.01 -2.29
N LYS A 131 2.23 12.39 -3.08
CA LYS A 131 3.69 12.66 -3.04
C LYS A 131 4.33 12.11 -4.29
N PRO A 132 5.38 12.77 -4.78
CA PRO A 132 6.23 12.19 -5.81
C PRO A 132 6.98 10.99 -5.19
N ALA A 133 7.43 10.09 -6.04
CA ALA A 133 8.43 9.09 -5.66
C ALA A 133 9.74 9.79 -5.32
N ILE A 134 10.44 9.26 -4.31
CA ILE A 134 11.69 9.84 -3.77
C ILE A 134 12.67 8.70 -3.59
N ALA A 135 13.88 8.90 -4.10
CA ALA A 135 15.05 8.06 -3.74
C ALA A 135 15.97 8.82 -2.82
N HIS A 136 16.53 8.15 -1.83
CA HIS A 136 17.33 8.77 -0.75
C HIS A 136 18.73 9.10 -1.24
N ARG A 137 19.41 8.10 -1.76
CA ARG A 137 20.77 8.17 -2.36
C ARG A 137 21.90 8.28 -1.30
N ASP A 138 21.63 8.23 -0.01
CA ASP A 138 22.72 8.08 0.98
C ASP A 138 22.26 7.29 2.19
N LEU A 139 21.60 6.15 1.97
CA LEU A 139 21.09 5.35 3.08
C LEU A 139 22.27 4.64 3.72
N LYS A 140 22.33 4.66 5.03
CA LYS A 140 23.42 4.04 5.81
C LYS A 140 22.99 4.07 7.27
N SER A 141 23.72 3.37 8.16
CA SER A 141 23.26 3.26 9.56
C SER A 141 23.43 4.59 10.32
N LYS A 142 24.33 5.48 9.89
CA LYS A 142 24.44 6.83 10.48
C LYS A 142 23.27 7.70 10.06
N ASN A 143 22.54 7.36 9.00
CA ASN A 143 21.39 8.20 8.54
C ASN A 143 20.08 7.58 8.97
N ILE A 144 20.12 6.79 10.02
CA ILE A 144 18.93 6.16 10.62
C ILE A 144 18.96 6.42 12.10
N LEU A 145 17.86 6.94 12.68
CA LEU A 145 17.82 7.21 14.13
CA LEU A 145 17.78 7.23 14.12
C LEU A 145 16.93 6.18 14.81
N VAL A 146 17.24 5.89 16.05
CA VAL A 146 16.48 4.91 16.87
C VAL A 146 15.52 5.67 17.75
N LYS A 147 14.26 5.28 17.70
CA LYS A 147 13.21 5.87 18.55
C LYS A 147 13.05 5.02 19.82
N LYS A 148 12.44 5.67 20.83
CA LYS A 148 12.25 4.99 22.13
C LYS A 148 11.34 3.77 21.97
N ASN A 149 10.40 3.79 21.02
CA ASN A 149 9.46 2.67 20.83
C ASN A 149 10.07 1.49 20.06
N GLY A 150 11.34 1.57 19.73
CA GLY A 150 12.05 0.43 19.10
C GLY A 150 12.01 0.47 17.59
N GLN A 151 11.24 1.37 17.00
CA GLN A 151 11.26 1.57 15.54
C GLN A 151 12.36 2.59 15.22
N CYS A 152 12.76 2.68 13.97
CA CYS A 152 13.74 3.66 13.50
C CYS A 152 13.09 4.66 12.58
N CYS A 153 13.81 5.72 12.27
CA CYS A 153 13.41 6.66 11.19
C CYS A 153 14.62 7.02 10.34
N ILE A 154 14.35 7.23 9.08
CA ILE A 154 15.37 7.58 8.07
C ILE A 154 15.53 9.10 8.05
N ALA A 155 16.78 9.55 8.03
CA ALA A 155 17.16 10.97 8.04
C ALA A 155 17.99 11.29 6.79
N ASP A 156 18.13 12.59 6.55
CA ASP A 156 19.10 13.20 5.61
C ASP A 156 18.63 13.03 4.18
N LEU A 157 17.86 13.97 3.70
CA LEU A 157 17.36 13.99 2.32
C LEU A 157 18.13 14.99 1.45
N GLY A 158 19.35 15.30 1.87
CA GLY A 158 20.20 16.29 1.16
C GLY A 158 20.62 15.82 -0.20
N LEU A 159 20.57 14.51 -0.51
CA LEU A 159 20.91 13.98 -1.86
C LEU A 159 19.69 13.42 -2.56
N ALA A 160 18.49 13.60 -1.97
CA ALA A 160 17.28 12.91 -2.45
C ALA A 160 16.91 13.40 -3.82
N VAL A 161 16.36 12.51 -4.62
CA VAL A 161 15.82 12.84 -5.95
C VAL A 161 14.33 12.48 -6.02
N MET A 162 13.58 13.31 -6.72
CA MET A 162 12.11 13.23 -6.81
C MET A 162 11.73 12.86 -8.24
N HIS A 163 10.71 12.04 -8.43
CA HIS A 163 10.09 11.71 -9.76
C HIS A 163 8.56 11.95 -9.69
N ARG A 177 27.97 16.85 -3.74
CA ARG A 177 27.95 15.71 -2.79
C ARG A 177 27.59 14.45 -3.56
N VAL A 178 28.25 13.33 -3.24
CA VAL A 178 27.85 12.01 -3.77
C VAL A 178 27.59 11.11 -2.57
N GLY A 179 27.05 9.94 -2.79
CA GLY A 179 26.75 9.06 -1.66
C GLY A 179 28.01 8.62 -0.91
N THR A 180 27.81 8.02 0.25
CA THR A 180 28.92 7.43 1.04
C THR A 180 29.51 6.24 0.28
N LYS A 181 30.80 6.29 -0.04
CA LYS A 181 31.39 5.31 -0.99
CA LYS A 181 31.42 5.31 -0.97
C LYS A 181 31.26 3.88 -0.47
N ARG A 182 31.42 3.65 0.82
CA ARG A 182 31.30 2.28 1.38
C ARG A 182 29.98 1.63 0.98
N TYR A 183 28.90 2.42 0.88
CA TYR A 183 27.54 1.91 0.58
C TYR A 183 27.13 2.05 -0.88
N MET A 184 28.04 2.46 -1.77
CA MET A 184 27.68 2.63 -3.19
C MET A 184 27.44 1.28 -3.85
N ALA A 185 26.37 1.19 -4.63
CA ALA A 185 26.03 0.02 -5.45
C ALA A 185 27.02 -0.13 -6.60
N PRO A 186 27.17 -1.35 -7.12
CA PRO A 186 28.12 -1.60 -8.20
C PRO A 186 27.93 -0.70 -9.43
N GLU A 187 26.71 -0.41 -9.81
CA GLU A 187 26.43 0.42 -11.01
C GLU A 187 26.87 1.86 -10.76
N VAL A 188 26.93 2.32 -9.51
CA VAL A 188 27.45 3.68 -9.18
C VAL A 188 28.98 3.63 -9.32
N LEU A 189 29.59 2.60 -8.77
CA LEU A 189 31.08 2.46 -8.81
C LEU A 189 31.60 2.26 -10.24
N ASP A 190 30.89 1.56 -11.12
CA ASP A 190 31.38 1.26 -12.48
C ASP A 190 30.76 2.24 -13.48
N GLU A 191 29.95 3.17 -13.00
CA GLU A 191 29.40 4.32 -13.75
C GLU A 191 28.53 3.82 -14.88
N THR A 192 27.89 2.66 -14.73
CA THR A 192 26.89 2.12 -15.68
C THR A 192 25.48 2.50 -15.27
N ILE A 193 25.29 3.13 -14.11
CA ILE A 193 23.93 3.49 -13.68
C ILE A 193 23.21 4.29 -14.79
N GLN A 194 21.96 3.89 -15.07
CA GLN A 194 21.09 4.59 -16.06
C GLN A 194 20.54 5.84 -15.38
N VAL A 195 21.23 6.96 -15.50
CA VAL A 195 21.01 8.21 -14.70
C VAL A 195 19.70 8.90 -15.10
N ASP A 196 19.10 8.55 -16.25
CA ASP A 196 17.85 9.18 -16.76
C ASP A 196 16.64 8.34 -16.31
N CYS A 197 16.85 7.30 -15.51
CA CYS A 197 15.80 6.32 -15.18
C CYS A 197 15.56 6.39 -13.68
N PHE A 198 14.37 6.76 -13.22
CA PHE A 198 14.23 6.99 -11.76
C PHE A 198 14.40 5.66 -11.00
N ASP A 199 13.94 4.54 -11.54
CA ASP A 199 14.03 3.22 -10.89
C ASP A 199 15.50 2.92 -10.56
N SER A 200 16.46 3.42 -11.31
CA SER A 200 17.89 3.20 -11.02
C SER A 200 18.19 3.65 -9.60
N TYR A 201 17.60 4.77 -9.18
CA TYR A 201 18.00 5.35 -7.88
C TYR A 201 17.34 4.55 -6.76
N LYS A 202 16.13 4.04 -6.99
N LYS A 202 16.13 4.05 -6.98
CA LYS A 202 15.48 3.15 -5.99
CA LYS A 202 15.51 3.13 -6.00
C LYS A 202 16.37 1.91 -5.82
C LYS A 202 16.43 1.93 -5.82
N ARG A 203 16.96 1.39 -6.91
CA ARG A 203 17.76 0.14 -6.84
C ARG A 203 19.06 0.38 -6.09
N VAL A 204 19.60 1.58 -6.16
CA VAL A 204 20.81 1.96 -5.39
C VAL A 204 20.42 2.00 -3.93
N ASP A 205 19.24 2.50 -3.59
CA ASP A 205 18.84 2.50 -2.17
C ASP A 205 18.69 1.07 -1.67
N ILE A 206 18.15 0.18 -2.50
CA ILE A 206 17.91 -1.21 -2.04
C ILE A 206 19.23 -1.89 -1.71
N TRP A 207 20.24 -1.67 -2.53
CA TRP A 207 21.61 -2.17 -2.25
C TRP A 207 22.06 -1.72 -0.88
N ALA A 208 21.97 -0.43 -0.60
CA ALA A 208 22.41 0.14 0.68
C ALA A 208 21.56 -0.41 1.82
N PHE A 209 20.26 -0.59 1.60
CA PHE A 209 19.36 -1.21 2.59
C PHE A 209 19.87 -2.60 2.97
N GLY A 210 20.27 -3.36 1.96
CA GLY A 210 20.79 -4.71 2.23
C GLY A 210 22.02 -4.68 3.12
N LEU A 211 22.91 -3.72 2.91
CA LEU A 211 24.09 -3.55 3.80
C LEU A 211 23.66 -3.21 5.23
N VAL A 212 22.68 -2.33 5.38
CA VAL A 212 22.18 -1.95 6.71
C VAL A 212 21.58 -3.19 7.37
N LEU A 213 20.81 -3.97 6.60
CA LEU A 213 20.20 -5.21 7.14
C LEU A 213 21.31 -6.11 7.72
N TRP A 214 22.43 -6.26 6.99
CA TRP A 214 23.59 -7.06 7.43
C TRP A 214 24.16 -6.48 8.71
N GLU A 215 24.31 -5.15 8.79
CA GLU A 215 24.90 -4.54 9.99
C GLU A 215 24.03 -4.84 11.24
N VAL A 216 22.72 -4.85 11.08
CA VAL A 216 21.78 -5.03 12.20
C VAL A 216 21.77 -6.52 12.56
N ALA A 217 21.66 -7.39 11.56
CA ALA A 217 21.52 -8.85 11.77
C ALA A 217 22.71 -9.36 12.56
N ARG A 218 23.90 -8.86 12.30
CA ARG A 218 25.11 -9.28 13.04
C ARG A 218 24.92 -9.11 14.55
N ARG A 219 24.15 -8.11 14.96
CA ARG A 219 24.00 -7.79 16.39
C ARG A 219 22.83 -8.54 17.02
N MET A 220 22.14 -9.37 16.28
CA MET A 220 21.01 -10.21 16.79
C MET A 220 21.59 -11.49 17.40
N VAL A 221 21.29 -11.74 18.68
CA VAL A 221 21.85 -12.92 19.40
C VAL A 221 21.12 -14.16 18.93
N SER A 222 21.83 -15.26 18.70
CA SER A 222 21.20 -16.60 18.53
C SER A 222 22.10 -17.63 19.19
N ASN A 223 21.50 -18.54 19.95
CA ASN A 223 22.27 -19.66 20.55
C ASN A 223 23.47 -19.10 21.29
N GLY A 224 23.33 -17.96 21.98
CA GLY A 224 24.38 -17.36 22.81
C GLY A 224 25.50 -16.71 22.03
N ILE A 225 25.33 -16.52 20.73
CA ILE A 225 26.43 -15.99 19.86
C ILE A 225 25.93 -14.66 19.30
N VAL A 226 26.87 -13.75 19.10
CA VAL A 226 26.61 -12.48 18.38
C VAL A 226 27.89 -12.05 17.70
N GLU A 227 27.82 -11.38 16.56
CA GLU A 227 29.02 -10.75 16.00
C GLU A 227 29.19 -9.35 16.59
N ASP A 228 30.43 -8.91 16.68
CA ASP A 228 30.80 -7.51 16.99
C ASP A 228 30.23 -6.59 15.91
N TYR A 229 29.92 -5.35 16.28
CA TYR A 229 29.54 -4.35 15.25
C TYR A 229 30.72 -4.15 14.30
N LYS A 230 30.45 -4.25 13.03
CA LYS A 230 31.40 -3.83 11.97
C LYS A 230 30.61 -3.16 10.87
N PRO A 231 31.24 -2.19 10.18
CA PRO A 231 30.64 -1.59 9.00
C PRO A 231 30.78 -2.54 7.83
N PRO A 232 29.92 -2.37 6.81
CA PRO A 232 30.01 -3.22 5.61
C PRO A 232 31.41 -3.13 4.98
N PHE A 233 31.96 -4.29 4.60
CA PHE A 233 33.25 -4.41 3.88
C PHE A 233 34.43 -4.07 4.79
N TYR A 234 34.26 -4.12 6.09
CA TYR A 234 35.31 -3.80 7.10
C TYR A 234 36.55 -4.64 6.86
N ASP A 235 36.37 -5.82 6.33
CA ASP A 235 37.47 -6.80 6.18
C ASP A 235 38.15 -6.71 4.84
N VAL A 236 37.69 -5.87 3.91
CA VAL A 236 38.31 -5.84 2.56
C VAL A 236 38.70 -4.44 2.11
N VAL A 237 38.30 -3.35 2.81
CA VAL A 237 38.67 -1.97 2.42
C VAL A 237 39.21 -1.26 3.63
N PRO A 238 40.01 -0.21 3.42
CA PRO A 238 40.43 0.64 4.53
C PRO A 238 39.30 1.51 5.10
N ASN A 239 39.56 2.15 6.23
CA ASN A 239 38.75 3.31 6.65
C ASN A 239 38.79 4.35 5.54
N ASP A 240 37.70 5.06 5.32
CA ASP A 240 37.59 6.09 4.28
C ASP A 240 38.10 5.49 2.98
N PRO A 241 37.43 4.40 2.54
CA PRO A 241 37.84 3.70 1.34
C PRO A 241 37.72 4.61 0.11
N SER A 242 38.65 4.50 -0.84
CA SER A 242 38.52 5.25 -2.08
C SER A 242 37.45 4.68 -2.97
N PHE A 243 37.07 5.44 -3.95
CA PHE A 243 36.17 5.00 -5.02
C PHE A 243 36.75 3.75 -5.67
N GLU A 244 38.05 3.78 -6.01
CA GLU A 244 38.75 2.63 -6.60
C GLU A 244 38.74 1.42 -5.66
N ASP A 245 39.02 1.62 -4.38
CA ASP A 245 39.01 0.51 -3.40
C ASP A 245 37.66 -0.20 -3.49
N MET A 246 36.60 0.59 -3.49
CA MET A 246 35.23 0.02 -3.51
C MET A 246 34.92 -0.66 -4.85
N ARG A 247 35.31 -0.04 -5.97
CA ARG A 247 35.02 -0.60 -7.30
C ARG A 247 35.68 -1.98 -7.43
N LYS A 248 36.91 -2.11 -6.96
CA LYS A 248 37.62 -3.40 -7.09
CA LYS A 248 37.65 -3.39 -7.06
C LYS A 248 36.92 -4.47 -6.26
N VAL A 249 36.47 -4.15 -5.04
CA VAL A 249 35.77 -5.14 -4.20
C VAL A 249 34.45 -5.49 -4.85
N VAL A 250 33.59 -4.49 -5.09
CA VAL A 250 32.16 -4.69 -5.41
C VAL A 250 31.94 -5.06 -6.87
N CYS A 251 32.71 -4.48 -7.79
CA CYS A 251 32.50 -4.61 -9.25
C CYS A 251 33.44 -5.64 -9.84
N VAL A 252 34.72 -5.53 -9.55
CA VAL A 252 35.71 -6.40 -10.25
C VAL A 252 35.66 -7.79 -9.62
N ASP A 253 35.84 -7.87 -8.29
CA ASP A 253 35.85 -9.18 -7.60
C ASP A 253 34.44 -9.62 -7.24
N GLN A 254 33.47 -8.73 -7.21
CA GLN A 254 32.04 -9.07 -6.95
C GLN A 254 31.90 -9.66 -5.55
N GLN A 255 32.68 -9.16 -4.58
CA GLN A 255 32.53 -9.57 -3.16
C GLN A 255 31.23 -9.01 -2.58
N ARG A 256 30.74 -9.75 -1.59
CA ARG A 256 29.56 -9.37 -0.80
C ARG A 256 29.89 -9.67 0.66
N PRO A 257 29.22 -8.98 1.59
CA PRO A 257 29.44 -9.24 3.01
C PRO A 257 29.22 -10.72 3.35
N ASN A 258 30.06 -11.24 4.22
N ASN A 258 30.05 -11.19 4.30
CA ASN A 258 29.98 -12.69 4.53
CA ASN A 258 30.07 -12.58 4.81
C ASN A 258 28.86 -12.92 5.53
C ASN A 258 28.76 -12.89 5.57
N ILE A 259 28.17 -14.05 5.33
CA ILE A 259 27.10 -14.56 6.22
C ILE A 259 27.74 -15.59 7.14
N PRO A 260 27.84 -15.34 8.45
CA PRO A 260 28.40 -16.31 9.40
C PRO A 260 27.59 -17.61 9.41
N ASN A 261 28.30 -18.72 9.62
CA ASN A 261 27.65 -20.03 9.78
C ASN A 261 26.57 -20.02 10.85
N ARG A 262 26.80 -19.37 11.97
CA ARG A 262 25.83 -19.39 13.10
C ARG A 262 24.46 -18.88 12.69
N TRP A 263 24.37 -18.05 11.65
CA TRP A 263 23.04 -17.57 11.21
C TRP A 263 22.16 -18.74 10.73
N PHE A 264 22.75 -19.82 10.19
CA PHE A 264 21.99 -20.93 9.57
C PHE A 264 21.42 -21.88 10.64
N SER A 265 21.73 -21.70 11.92
CA SER A 265 21.01 -22.36 13.05
C SER A 265 19.78 -21.58 13.48
N ASP A 266 19.55 -20.36 12.98
CA ASP A 266 18.45 -19.49 13.48
C ASP A 266 17.51 -19.23 12.32
N PRO A 267 16.19 -19.49 12.42
CA PRO A 267 15.32 -19.30 11.27
C PRO A 267 15.24 -17.83 10.85
N THR A 268 15.28 -16.90 11.82
CA THR A 268 15.14 -15.45 11.52
C THR A 268 16.38 -14.98 10.72
N LEU A 269 17.54 -15.33 11.22
CA LEU A 269 18.78 -14.93 10.52
C LEU A 269 18.94 -15.66 9.18
N THR A 270 18.43 -16.89 9.06
CA THR A 270 18.45 -17.61 7.78
C THR A 270 17.60 -16.81 6.76
N SER A 271 16.39 -16.39 7.16
CA SER A 271 15.48 -15.64 6.29
C SER A 271 16.09 -14.27 5.97
N LEU A 272 16.73 -13.63 6.94
CA LEU A 272 17.36 -12.30 6.71
C LEU A 272 18.54 -12.43 5.72
N ALA A 273 19.34 -13.49 5.81
CA ALA A 273 20.46 -13.71 4.86
C ALA A 273 19.91 -13.81 3.44
N LYS A 274 18.81 -14.52 3.26
CA LYS A 274 18.19 -14.66 1.93
C LYS A 274 17.76 -13.28 1.42
N LEU A 275 17.18 -12.49 2.32
CA LEU A 275 16.67 -11.16 1.92
C LEU A 275 17.84 -10.29 1.52
N MET A 276 18.89 -10.26 2.31
CA MET A 276 20.02 -9.36 2.00
C MET A 276 20.67 -9.82 0.67
N LYS A 277 20.79 -11.12 0.37
CA LYS A 277 21.28 -11.63 -0.94
C LYS A 277 20.45 -11.01 -2.08
N GLU A 278 19.16 -10.83 -1.86
N GLU A 278 19.15 -10.85 -1.85
CA GLU A 278 18.29 -10.41 -2.96
CA GLU A 278 18.21 -10.41 -2.90
C GLU A 278 18.22 -8.88 -3.02
C GLU A 278 18.27 -8.89 -3.05
N CYS A 279 18.98 -8.21 -2.16
CA CYS A 279 19.26 -6.75 -2.30
C CYS A 279 20.60 -6.52 -2.99
N TRP A 280 21.43 -7.55 -3.18
CA TRP A 280 22.84 -7.39 -3.59
C TRP A 280 23.16 -7.92 -4.97
N TYR A 281 22.14 -8.29 -5.74
CA TYR A 281 22.40 -8.77 -7.12
C TYR A 281 23.17 -7.71 -7.90
N GLN A 282 24.15 -8.13 -8.70
CA GLN A 282 24.88 -7.21 -9.61
CA GLN A 282 24.89 -7.20 -9.60
C GLN A 282 23.89 -6.49 -10.53
N ASN A 283 22.92 -7.23 -11.08
CA ASN A 283 21.91 -6.70 -11.99
C ASN A 283 20.90 -5.92 -11.13
N PRO A 284 20.85 -4.58 -11.25
CA PRO A 284 19.98 -3.77 -10.39
C PRO A 284 18.52 -4.19 -10.50
N SER A 285 18.09 -4.57 -11.72
CA SER A 285 16.67 -4.89 -11.95
C SER A 285 16.26 -6.21 -11.29
N ALA A 286 17.21 -7.04 -10.82
CA ALA A 286 16.92 -8.31 -10.11
C ALA A 286 16.64 -8.05 -8.64
N ARG A 287 17.01 -6.87 -8.12
CA ARG A 287 16.88 -6.63 -6.66
C ARG A 287 15.40 -6.52 -6.28
N LEU A 288 15.10 -6.94 -5.07
CA LEU A 288 13.77 -6.80 -4.46
C LEU A 288 13.42 -5.32 -4.41
N THR A 289 12.13 -5.03 -4.40
CA THR A 289 11.56 -3.70 -4.13
C THR A 289 11.36 -3.54 -2.63
N ALA A 290 11.28 -2.28 -2.16
CA ALA A 290 11.07 -2.01 -0.72
C ALA A 290 9.75 -2.64 -0.28
N LEU A 291 8.75 -2.60 -1.16
CA LEU A 291 7.43 -3.19 -0.80
C LEU A 291 7.55 -4.70 -0.67
N ARG A 292 8.30 -5.36 -1.55
CA ARG A 292 8.48 -6.82 -1.43
C ARG A 292 9.30 -7.16 -0.16
N ILE A 293 10.27 -6.33 0.19
CA ILE A 293 11.05 -6.52 1.44
C ILE A 293 10.08 -6.42 2.63
N LYS A 294 9.22 -5.40 2.69
CA LYS A 294 8.24 -5.33 3.79
C LYS A 294 7.43 -6.61 3.90
N LYS A 295 6.88 -7.07 2.79
CA LYS A 295 6.02 -8.26 2.86
C LYS A 295 6.83 -9.42 3.42
N THR A 296 8.04 -9.63 2.91
CA THR A 296 8.88 -10.76 3.37
C THR A 296 9.13 -10.63 4.88
N LEU A 297 9.40 -9.43 5.36
CA LEU A 297 9.71 -9.22 6.79
C LEU A 297 8.48 -9.47 7.65
N THR A 298 7.28 -9.18 7.15
CA THR A 298 6.05 -9.44 7.93
C THR A 298 5.79 -10.95 8.05
N LYS A 299 6.36 -11.78 7.19
CA LYS A 299 6.13 -13.26 7.21
C LYS A 299 7.25 -13.93 8.01
N ILE A 300 8.28 -13.18 8.42
CA ILE A 300 9.39 -13.76 9.21
C ILE A 300 8.96 -13.74 10.68
N ASP A 301 8.89 -14.93 11.26
CA ASP A 301 8.58 -15.25 12.68
C ASP A 301 7.06 -15.21 12.90
N ALA B 7 -38.01 11.14 -26.48
CA ALA B 7 -38.40 11.56 -25.08
C ALA B 7 -37.18 11.41 -24.16
N ARG B 8 -36.31 12.41 -24.16
CA ARG B 8 -34.99 12.39 -23.46
C ARG B 8 -35.07 13.07 -22.09
N ASP B 9 -36.11 13.85 -21.77
CA ASP B 9 -36.10 14.70 -20.55
C ASP B 9 -36.17 13.83 -19.29
N ILE B 10 -35.53 14.32 -18.23
CA ILE B 10 -35.53 13.66 -16.89
C ILE B 10 -35.93 14.68 -15.87
N THR B 11 -36.72 14.26 -14.87
CA THR B 11 -37.08 15.07 -13.70
C THR B 11 -36.35 14.47 -12.49
N LEU B 12 -35.54 15.28 -11.80
CA LEU B 12 -34.87 14.85 -10.55
C LEU B 12 -35.85 15.02 -9.39
N LEU B 13 -36.18 13.96 -8.67
CA LEU B 13 -37.28 14.00 -7.67
C LEU B 13 -36.74 13.98 -6.25
N GLU B 14 -35.72 13.19 -5.94
CA GLU B 14 -35.13 13.21 -4.58
C GLU B 14 -33.71 12.64 -4.57
N CYS B 15 -32.89 13.17 -3.68
CA CYS B 15 -31.52 12.67 -3.48
C CYS B 15 -31.55 11.42 -2.62
N VAL B 16 -31.05 10.29 -3.09
CA VAL B 16 -31.01 9.01 -2.35
C VAL B 16 -29.59 8.71 -1.83
N GLY B 17 -28.64 9.64 -2.02
CA GLY B 17 -27.24 9.43 -1.60
C GLY B 17 -26.35 10.58 -2.02
N LYS B 18 -25.49 11.05 -1.11
CA LYS B 18 -24.44 12.07 -1.39
C LYS B 18 -23.22 11.63 -0.61
N GLY B 19 -22.06 11.82 -1.22
CA GLY B 19 -20.76 11.55 -0.58
C GLY B 19 -19.66 12.07 -1.46
N ARG B 20 -18.46 11.53 -1.27
CA ARG B 20 -17.24 11.92 -2.01
C ARG B 20 -17.43 11.62 -3.50
N TYR B 21 -18.28 10.64 -3.85
CA TYR B 21 -18.57 10.20 -5.25
C TYR B 21 -19.40 11.25 -6.00
N GLY B 22 -20.07 12.16 -5.31
CA GLY B 22 -21.08 13.03 -5.92
C GLY B 22 -22.44 12.75 -5.29
N GLU B 23 -23.45 12.54 -6.11
CA GLU B 23 -24.82 12.39 -5.58
C GLU B 23 -25.56 11.41 -6.47
N VAL B 24 -26.51 10.68 -5.91
CA VAL B 24 -27.44 9.88 -6.72
C VAL B 24 -28.86 10.37 -6.45
N TRP B 25 -29.63 10.55 -7.51
CA TRP B 25 -31.03 11.00 -7.48
C TRP B 25 -31.94 9.90 -8.01
N ARG B 26 -33.11 9.81 -7.39
CA ARG B 26 -34.23 9.16 -8.04
C ARG B 26 -34.86 10.18 -8.97
N GLY B 27 -34.99 9.86 -10.24
CA GLY B 27 -35.64 10.76 -11.20
C GLY B 27 -36.69 10.03 -11.98
N SER B 28 -37.42 10.77 -12.79
CA SER B 28 -38.46 10.25 -13.66
C SER B 28 -38.06 10.46 -15.12
N TRP B 29 -38.21 9.43 -15.94
CA TRP B 29 -37.86 9.42 -17.40
C TRP B 29 -38.90 8.55 -18.09
N GLN B 30 -39.57 9.12 -19.11
CA GLN B 30 -40.84 8.61 -19.71
C GLN B 30 -41.59 7.73 -18.70
N GLY B 31 -42.14 8.36 -17.67
CA GLY B 31 -43.02 7.74 -16.65
C GLY B 31 -42.40 6.55 -15.93
N GLU B 32 -41.07 6.43 -15.87
CA GLU B 32 -40.39 5.34 -15.13
C GLU B 32 -39.40 5.97 -14.16
N ASN B 33 -39.20 5.37 -13.00
CA ASN B 33 -38.11 5.76 -12.08
C ASN B 33 -36.78 5.44 -12.75
N VAL B 34 -35.83 6.36 -12.60
CA VAL B 34 -34.43 6.08 -13.06
C VAL B 34 -33.53 6.60 -11.97
N ALA B 35 -32.31 6.06 -11.91
CA ALA B 35 -31.26 6.55 -11.02
C ALA B 35 -30.34 7.48 -11.83
N VAL B 36 -30.06 8.63 -11.27
CA VAL B 36 -29.19 9.64 -11.95
C VAL B 36 -28.05 9.92 -11.01
N LYS B 37 -26.82 9.50 -11.38
CA LYS B 37 -25.62 9.80 -10.60
C LYS B 37 -24.91 11.03 -11.23
N ILE B 38 -24.68 12.03 -10.40
CA ILE B 38 -23.93 13.23 -10.80
C ILE B 38 -22.59 13.12 -10.10
N PHE B 39 -21.51 12.96 -10.86
CA PHE B 39 -20.21 12.63 -10.27
C PHE B 39 -19.57 13.87 -9.69
N SER B 40 -18.76 13.69 -8.64
CA SER B 40 -17.89 14.74 -8.10
C SER B 40 -16.80 15.01 -9.12
N SER B 41 -16.27 16.23 -9.22
CA SER B 41 -15.16 16.44 -10.21
C SER B 41 -13.95 15.61 -9.79
N ARG B 42 -13.83 15.28 -8.51
CA ARG B 42 -12.69 14.46 -8.04
C ARG B 42 -12.75 13.05 -8.63
N ASP B 43 -13.88 12.68 -9.23
N ASP B 43 -13.95 12.58 -9.06
CA ASP B 43 -14.06 11.29 -9.67
CA ASP B 43 -14.20 11.21 -9.60
C ASP B 43 -14.36 11.23 -11.17
C ASP B 43 -14.39 11.23 -11.14
N GLU B 44 -13.89 12.24 -11.86
CA GLU B 44 -14.17 12.37 -13.30
C GLU B 44 -13.60 11.16 -14.06
N LYS B 45 -12.50 10.55 -13.60
CA LYS B 45 -11.91 9.41 -14.32
C LYS B 45 -12.80 8.17 -14.14
N SER B 46 -13.49 8.07 -13.01
CA SER B 46 -14.46 6.95 -12.83
C SER B 46 -15.61 7.10 -13.82
N TRP B 47 -16.15 8.29 -13.96
CA TRP B 47 -17.24 8.52 -14.93
C TRP B 47 -16.81 8.00 -16.31
N PHE B 48 -15.66 8.43 -16.79
CA PHE B 48 -15.20 8.07 -18.15
C PHE B 48 -15.02 6.57 -18.27
N ARG B 49 -14.43 5.94 -17.26
CA ARG B 49 -14.21 4.49 -17.29
C ARG B 49 -15.55 3.74 -17.33
N GLU B 50 -16.52 4.17 -16.51
CA GLU B 50 -17.82 3.52 -16.46
C GLU B 50 -18.48 3.66 -17.83
N THR B 51 -18.29 4.80 -18.47
CA THR B 51 -18.84 5.07 -19.82
C THR B 51 -18.20 4.12 -20.83
N GLU B 52 -16.89 3.96 -20.78
CA GLU B 52 -16.19 3.00 -21.68
C GLU B 52 -16.79 1.60 -21.45
N LEU B 53 -17.00 1.19 -20.20
CA LEU B 53 -17.50 -0.17 -19.90
C LEU B 53 -18.92 -0.32 -20.46
N TYR B 54 -19.80 0.64 -20.26
CA TYR B 54 -21.20 0.52 -20.68
C TYR B 54 -21.38 0.65 -22.20
N ASN B 55 -20.33 1.07 -22.93
CA ASN B 55 -20.36 1.05 -24.42
C ASN B 55 -20.58 -0.38 -24.90
N THR B 56 -20.16 -1.39 -24.14
CA THR B 56 -20.25 -2.83 -24.54
C THR B 56 -21.70 -3.33 -24.48
N VAL B 57 -22.37 -3.52 -25.62
CA VAL B 57 -23.78 -4.03 -25.63
C VAL B 57 -23.84 -5.38 -24.90
N MET B 58 -22.86 -6.28 -25.02
CA MET B 58 -23.00 -7.64 -24.38
C MET B 58 -22.63 -7.62 -22.88
N LEU B 59 -22.33 -6.45 -22.32
CA LEU B 59 -22.25 -6.35 -20.83
C LEU B 59 -23.62 -6.59 -20.19
N ARG B 60 -24.72 -6.24 -20.86
CA ARG B 60 -26.11 -6.32 -20.33
C ARG B 60 -26.32 -7.71 -19.74
N HIS B 61 -26.88 -7.75 -18.54
CA HIS B 61 -27.05 -9.02 -17.80
C HIS B 61 -28.01 -8.75 -16.65
N GLU B 62 -28.82 -9.76 -16.30
CA GLU B 62 -29.78 -9.63 -15.17
C GLU B 62 -29.08 -9.19 -13.89
N ASN B 63 -27.82 -9.56 -13.70
CA ASN B 63 -27.13 -9.28 -12.41
C ASN B 63 -26.06 -8.18 -12.57
N ILE B 64 -26.18 -7.31 -13.55
CA ILE B 64 -25.34 -6.09 -13.71
C ILE B 64 -26.31 -4.90 -13.83
N LEU B 65 -26.08 -3.85 -13.09
CA LEU B 65 -26.93 -2.64 -13.15
C LEU B 65 -27.10 -2.16 -14.59
N GLY B 66 -28.34 -2.04 -15.05
CA GLY B 66 -28.67 -1.67 -16.44
C GLY B 66 -28.46 -0.19 -16.70
N PHE B 67 -27.71 0.08 -17.75
CA PHE B 67 -27.38 1.40 -18.24
C PHE B 67 -28.47 1.99 -19.13
N ILE B 68 -28.76 3.26 -18.99
CA ILE B 68 -29.67 4.01 -19.90
C ILE B 68 -28.83 5.02 -20.71
N ALA B 69 -28.05 5.88 -20.04
CA ALA B 69 -27.29 6.92 -20.76
C ALA B 69 -26.13 7.41 -19.90
N SER B 70 -25.15 8.05 -20.55
CA SER B 70 -24.05 8.74 -19.90
C SER B 70 -23.84 10.09 -20.59
N ASP B 71 -23.64 11.14 -19.84
CA ASP B 71 -23.51 12.48 -20.44
C ASP B 71 -22.40 13.20 -19.75
N MET B 72 -21.67 13.97 -20.57
CA MET B 72 -20.82 15.06 -20.05
C MET B 72 -21.36 16.37 -20.65
N THR B 73 -21.68 17.32 -19.79
CA THR B 73 -22.28 18.61 -20.18
C THR B 73 -21.39 19.71 -19.69
N SER B 74 -21.32 20.80 -20.46
CA SER B 74 -20.52 21.94 -19.99
C SER B 74 -21.00 23.23 -20.65
N ARG B 75 -20.94 24.28 -19.86
CA ARG B 75 -20.98 25.68 -20.34
C ARG B 75 -19.92 26.45 -19.57
N HIS B 76 -19.17 27.29 -20.25
CA HIS B 76 -18.09 28.06 -19.61
C HIS B 76 -17.14 27.08 -18.92
N SER B 77 -16.78 27.28 -17.66
CA SER B 77 -15.77 26.43 -17.02
C SER B 77 -16.40 25.34 -16.18
N SER B 78 -17.72 25.17 -16.21
CA SER B 78 -18.46 24.21 -15.34
C SER B 78 -18.70 22.95 -16.17
N THR B 79 -18.37 21.77 -15.63
CA THR B 79 -18.69 20.50 -16.30
C THR B 79 -19.53 19.65 -15.37
N GLN B 80 -20.56 19.01 -15.89
CA GLN B 80 -21.31 17.99 -15.14
C GLN B 80 -21.14 16.65 -15.83
N LEU B 81 -21.08 15.63 -14.99
CA LEU B 81 -20.92 14.23 -15.44
C LEU B 81 -22.06 13.38 -14.89
N TRP B 82 -22.82 12.82 -15.79
CA TRP B 82 -24.09 12.11 -15.50
C TRP B 82 -23.99 10.65 -15.90
N LEU B 83 -24.52 9.76 -15.06
CA LEU B 83 -24.80 8.37 -15.43
C LEU B 83 -26.24 8.06 -15.06
N ILE B 84 -27.02 7.58 -16.05
CA ILE B 84 -28.46 7.28 -15.85
C ILE B 84 -28.59 5.76 -15.97
N THR B 85 -29.19 5.15 -14.95
CA THR B 85 -29.39 3.69 -14.89
C THR B 85 -30.82 3.36 -14.49
N HIS B 86 -31.15 2.07 -14.54
CA HIS B 86 -32.33 1.54 -13.84
C HIS B 86 -32.27 1.92 -12.35
N TYR B 87 -33.44 2.06 -11.74
CA TYR B 87 -33.60 2.45 -10.32
C TYR B 87 -34.07 1.22 -9.54
N HIS B 88 -33.44 0.90 -8.42
CA HIS B 88 -33.82 -0.25 -7.56
C HIS B 88 -34.22 0.31 -6.21
N GLU B 89 -35.55 0.42 -5.97
CA GLU B 89 -36.03 1.17 -4.81
C GLU B 89 -35.73 0.42 -3.51
N MET B 90 -35.40 -0.88 -3.55
CA MET B 90 -34.97 -1.60 -2.32
C MET B 90 -33.56 -1.20 -1.91
N GLY B 91 -32.83 -0.47 -2.77
CA GLY B 91 -31.53 0.04 -2.33
C GLY B 91 -30.42 -1.00 -2.47
N SER B 92 -29.33 -0.77 -1.76
CA SER B 92 -28.15 -1.66 -1.82
C SER B 92 -28.32 -2.83 -0.87
N LEU B 93 -27.55 -3.87 -1.13
CA LEU B 93 -27.46 -5.04 -0.25
C LEU B 93 -27.05 -4.62 1.15
N TYR B 94 -26.17 -3.64 1.28
CA TYR B 94 -25.74 -3.08 2.57
C TYR B 94 -26.96 -2.53 3.32
N ASP B 95 -27.79 -1.77 2.63
CA ASP B 95 -29.04 -1.22 3.25
C ASP B 95 -29.95 -2.38 3.65
N TYR B 96 -30.17 -3.31 2.74
CA TYR B 96 -31.17 -4.38 2.91
C TYR B 96 -30.82 -5.25 4.11
N LEU B 97 -29.54 -5.62 4.25
CA LEU B 97 -29.09 -6.54 5.31
C LEU B 97 -29.24 -5.92 6.70
N GLN B 98 -29.32 -4.59 6.78
N GLN B 98 -29.38 -4.62 6.86
CA GLN B 98 -29.51 -3.87 8.08
CA GLN B 98 -29.52 -4.07 8.24
C GLN B 98 -30.91 -4.24 8.61
C GLN B 98 -30.99 -4.07 8.63
N LEU B 99 -31.87 -4.45 7.71
CA LEU B 99 -33.33 -4.30 7.90
C LEU B 99 -33.99 -5.67 8.01
N THR B 100 -33.33 -6.72 7.53
CA THR B 100 -34.02 -8.02 7.36
C THR B 100 -33.02 -9.14 7.62
N THR B 101 -33.58 -10.21 8.13
CA THR B 101 -32.91 -11.52 8.14
C THR B 101 -33.35 -12.35 6.94
N LEU B 102 -32.57 -13.40 6.67
CA LEU B 102 -32.78 -14.24 5.49
C LEU B 102 -33.11 -15.68 5.88
N ASP B 103 -33.87 -16.34 5.05
CA ASP B 103 -33.96 -17.79 5.13
C ASP B 103 -32.97 -18.39 4.16
N THR B 104 -32.88 -19.70 4.12
CA THR B 104 -31.90 -20.43 3.31
C THR B 104 -32.09 -20.07 1.84
N VAL B 105 -33.33 -20.15 1.37
CA VAL B 105 -33.65 -19.89 -0.05
C VAL B 105 -33.23 -18.47 -0.44
N SER B 106 -33.55 -17.47 0.37
N SER B 106 -33.55 -17.47 0.39
CA SER B 106 -33.24 -16.07 0.08
CA SER B 106 -33.30 -16.03 0.12
C SER B 106 -31.73 -15.88 0.13
C SER B 106 -31.80 -15.72 0.27
N CYS B 107 -31.08 -16.42 1.16
CA CYS B 107 -29.62 -16.23 1.29
C CYS B 107 -28.93 -16.80 0.02
N LEU B 108 -29.28 -18.01 -0.41
CA LEU B 108 -28.62 -18.62 -1.59
C LEU B 108 -29.01 -17.86 -2.87
N ARG B 109 -30.23 -17.40 -3.00
CA ARG B 109 -30.66 -16.63 -4.18
C ARG B 109 -29.80 -15.37 -4.31
N ILE B 110 -29.60 -14.68 -3.20
CA ILE B 110 -28.80 -13.42 -3.21
C ILE B 110 -27.37 -13.78 -3.64
N VAL B 111 -26.73 -14.71 -2.94
CA VAL B 111 -25.29 -14.93 -3.22
C VAL B 111 -25.06 -15.58 -4.58
N LEU B 112 -25.94 -16.48 -5.04
CA LEU B 112 -25.81 -17.02 -6.40
C LEU B 112 -25.98 -15.88 -7.40
N SER B 113 -26.91 -14.94 -7.19
CA SER B 113 -27.11 -13.88 -8.21
C SER B 113 -25.83 -13.04 -8.33
N ILE B 114 -25.17 -12.77 -7.21
CA ILE B 114 -23.93 -11.97 -7.23
C ILE B 114 -22.84 -12.75 -7.93
N ALA B 115 -22.75 -14.04 -7.65
CA ALA B 115 -21.76 -14.91 -8.31
C ALA B 115 -22.02 -14.94 -9.82
N SER B 116 -23.29 -14.97 -10.21
N SER B 116 -23.28 -14.96 -10.20
CA SER B 116 -23.68 -15.00 -11.63
CA SER B 116 -23.69 -15.01 -11.62
C SER B 116 -23.21 -13.71 -12.30
C SER B 116 -23.28 -13.69 -12.32
N GLY B 117 -23.50 -12.56 -11.69
CA GLY B 117 -23.01 -11.27 -12.20
C GLY B 117 -21.50 -11.23 -12.29
N LEU B 118 -20.83 -11.71 -11.27
CA LEU B 118 -19.36 -11.62 -11.25
C LEU B 118 -18.75 -12.55 -12.29
N ALA B 119 -19.33 -13.74 -12.48
CA ALA B 119 -18.81 -14.68 -13.49
C ALA B 119 -19.06 -14.08 -14.86
N HIS B 120 -20.18 -13.42 -15.06
CA HIS B 120 -20.50 -12.74 -16.34
C HIS B 120 -19.45 -11.65 -16.60
N LEU B 121 -19.12 -10.87 -15.59
CA LEU B 121 -18.04 -9.86 -15.76
C LEU B 121 -16.75 -10.58 -16.14
N HIS B 122 -16.29 -11.55 -15.35
CA HIS B 122 -14.94 -12.12 -15.47
C HIS B 122 -14.75 -12.86 -16.79
N ILE B 123 -15.82 -13.44 -17.35
CA ILE B 123 -15.63 -14.36 -18.52
C ILE B 123 -15.76 -13.56 -19.80
N GLU B 124 -14.76 -13.68 -20.68
CA GLU B 124 -14.78 -13.04 -22.01
C GLU B 124 -15.84 -13.75 -22.88
N ILE B 125 -16.56 -12.98 -23.69
CA ILE B 125 -17.49 -13.44 -24.76
C ILE B 125 -16.84 -13.07 -26.11
N PHE B 126 -16.66 -14.06 -26.98
CA PHE B 126 -15.89 -13.90 -28.25
C PHE B 126 -16.82 -13.57 -29.42
N GLY B 130 -19.54 -9.04 -28.82
CA GLY B 130 -18.53 -9.55 -27.84
C GLY B 130 -18.44 -8.75 -26.54
N LYS B 131 -17.75 -9.29 -25.53
CA LYS B 131 -17.47 -8.56 -24.27
C LYS B 131 -16.10 -9.03 -23.80
N PRO B 132 -15.21 -8.08 -23.51
CA PRO B 132 -13.93 -8.46 -22.93
C PRO B 132 -14.17 -9.09 -21.54
N ALA B 133 -13.18 -9.80 -21.03
CA ALA B 133 -13.14 -10.13 -19.58
C ALA B 133 -13.00 -8.82 -18.81
N ILE B 134 -13.71 -8.75 -17.68
CA ILE B 134 -13.80 -7.50 -16.87
C ILE B 134 -13.59 -7.87 -15.40
N ALA B 135 -12.65 -7.20 -14.74
CA ALA B 135 -12.53 -7.27 -13.28
C ALA B 135 -13.05 -5.96 -12.71
N HIS B 136 -13.86 -6.03 -11.66
CA HIS B 136 -14.60 -4.89 -11.07
C HIS B 136 -13.70 -3.95 -10.26
N ARG B 137 -12.98 -4.50 -9.26
CA ARG B 137 -11.97 -3.84 -8.41
C ARG B 137 -12.61 -3.06 -7.25
N ASP B 138 -13.93 -2.95 -7.14
CA ASP B 138 -14.51 -2.31 -5.94
C ASP B 138 -15.81 -3.01 -5.53
N LEU B 139 -15.77 -4.33 -5.48
CA LEU B 139 -16.96 -5.10 -5.11
C LEU B 139 -17.17 -4.91 -3.61
N LYS B 140 -18.39 -4.60 -3.22
CA LYS B 140 -18.77 -4.46 -1.79
C LYS B 140 -20.28 -4.43 -1.71
N SER B 141 -20.82 -4.52 -0.49
CA SER B 141 -22.28 -4.64 -0.39
C SER B 141 -22.97 -3.32 -0.79
N LYS B 142 -22.33 -2.16 -0.69
CA LYS B 142 -22.95 -0.89 -1.16
C LYS B 142 -22.99 -0.81 -2.70
N ASN B 143 -22.21 -1.62 -3.37
CA ASN B 143 -22.12 -1.66 -4.85
C ASN B 143 -22.93 -2.80 -5.43
N ILE B 144 -23.82 -3.36 -4.64
CA ILE B 144 -24.76 -4.42 -5.06
C ILE B 144 -26.18 -3.94 -4.75
N LEU B 145 -27.03 -3.91 -5.75
CA LEU B 145 -28.43 -3.48 -5.58
C LEU B 145 -29.34 -4.69 -5.50
N VAL B 146 -30.37 -4.55 -4.67
CA VAL B 146 -31.40 -5.60 -4.45
C VAL B 146 -32.60 -5.34 -5.35
N LYS B 147 -33.05 -6.38 -6.02
CA LYS B 147 -34.17 -6.31 -6.99
C LYS B 147 -35.39 -7.03 -6.40
N LYS B 148 -36.56 -6.62 -6.88
CA LYS B 148 -37.85 -7.13 -6.34
C LYS B 148 -37.98 -8.62 -6.59
N ASN B 149 -37.29 -9.20 -7.57
CA ASN B 149 -37.27 -10.68 -7.80
C ASN B 149 -36.33 -11.47 -6.83
N GLY B 150 -35.68 -10.83 -5.88
CA GLY B 150 -34.84 -11.47 -4.85
C GLY B 150 -33.41 -11.67 -5.31
N GLN B 151 -33.18 -11.37 -6.55
CA GLN B 151 -31.78 -11.32 -7.05
C GLN B 151 -31.19 -9.92 -6.89
N CYS B 152 -29.89 -9.88 -7.07
CA CYS B 152 -29.10 -8.64 -6.92
C CYS B 152 -28.46 -8.30 -8.25
N CYS B 153 -28.01 -7.08 -8.38
CA CYS B 153 -27.16 -6.66 -9.51
C CYS B 153 -25.97 -5.86 -9.02
N ILE B 154 -24.86 -6.07 -9.71
CA ILE B 154 -23.57 -5.39 -9.41
C ILE B 154 -23.52 -4.05 -10.11
N ALA B 155 -23.08 -3.05 -9.37
CA ALA B 155 -23.02 -1.64 -9.82
C ALA B 155 -21.61 -1.09 -9.67
N ASP B 156 -21.35 0.01 -10.36
CA ASP B 156 -20.14 0.86 -10.21
C ASP B 156 -18.97 0.22 -10.91
N LEU B 157 -18.84 0.50 -12.21
CA LEU B 157 -17.74 -0.06 -13.04
C LEU B 157 -16.66 0.99 -13.25
N GLY B 158 -16.61 2.03 -12.41
CA GLY B 158 -15.58 3.11 -12.55
C GLY B 158 -14.13 2.69 -12.36
N LEU B 159 -13.85 1.55 -11.74
CA LEU B 159 -12.48 1.09 -11.48
C LEU B 159 -12.19 -0.15 -12.32
N ALA B 160 -13.09 -0.53 -13.21
CA ALA B 160 -12.96 -1.83 -13.90
C ALA B 160 -11.69 -1.88 -14.81
N VAL B 161 -11.16 -3.07 -14.93
CA VAL B 161 -10.04 -3.45 -15.85
C VAL B 161 -10.61 -4.39 -16.90
N MET B 162 -10.16 -4.23 -18.16
CA MET B 162 -10.69 -5.11 -19.23
C MET B 162 -9.54 -5.85 -19.88
N HIS B 163 -9.82 -7.06 -20.31
CA HIS B 163 -8.77 -7.89 -20.96
C HIS B 163 -9.39 -8.71 -22.09
N SER B 164 -8.65 -8.84 -23.18
CA SER B 164 -9.06 -9.78 -24.26
C SER B 164 -7.94 -10.80 -24.52
N GLN B 165 -8.20 -12.09 -24.28
CA GLN B 165 -7.13 -13.09 -24.52
C GLN B 165 -6.98 -13.25 -26.04
N SER B 166 -8.03 -12.97 -26.80
CA SER B 166 -8.09 -13.17 -28.27
C SER B 166 -7.08 -12.23 -28.93
N THR B 167 -6.86 -11.02 -28.38
CA THR B 167 -5.98 -9.99 -28.98
C THR B 167 -4.82 -9.67 -28.06
N ASN B 168 -4.77 -10.33 -26.90
CA ASN B 168 -3.69 -10.16 -25.91
C ASN B 168 -3.61 -8.69 -25.51
N GLN B 169 -4.75 -8.12 -25.13
CA GLN B 169 -4.80 -6.68 -24.73
C GLN B 169 -5.30 -6.59 -23.28
N LEU B 170 -4.63 -5.77 -22.48
CA LEU B 170 -5.02 -5.47 -21.09
C LEU B 170 -5.21 -3.97 -20.99
N ASP B 171 -6.36 -3.54 -20.51
CA ASP B 171 -6.69 -2.10 -20.42
C ASP B 171 -6.99 -1.81 -18.95
N VAL B 172 -6.01 -1.27 -18.23
CA VAL B 172 -6.14 -0.99 -16.77
C VAL B 172 -6.71 0.41 -16.56
N GLY B 173 -6.91 1.17 -17.62
CA GLY B 173 -7.39 2.55 -17.50
C GLY B 173 -6.39 3.47 -16.86
N ASN B 174 -6.82 4.72 -16.65
CA ASN B 174 -6.06 5.82 -16.02
C ASN B 174 -6.99 6.33 -14.92
N ASN B 175 -6.96 5.71 -13.75
CA ASN B 175 -7.82 6.15 -12.64
C ASN B 175 -6.99 5.96 -11.39
N PRO B 176 -6.67 7.07 -10.67
CA PRO B 176 -5.89 6.98 -9.43
C PRO B 176 -6.76 6.51 -8.25
N ARG B 177 -8.07 6.45 -8.45
CA ARG B 177 -9.00 5.90 -7.42
C ARG B 177 -8.52 4.50 -7.06
N VAL B 178 -8.65 4.13 -5.77
CA VAL B 178 -8.39 2.76 -5.30
C VAL B 178 -9.68 2.21 -4.69
N GLY B 179 -9.67 0.90 -4.53
CA GLY B 179 -10.84 0.22 -3.96
C GLY B 179 -11.17 0.68 -2.53
N THR B 180 -12.36 0.31 -2.09
CA THR B 180 -12.83 0.60 -0.73
C THR B 180 -11.91 -0.10 0.25
N LYS B 181 -11.38 0.64 1.24
CA LYS B 181 -10.24 0.09 2.03
C LYS B 181 -10.63 -1.18 2.77
N ARG B 182 -11.82 -1.22 3.34
CA ARG B 182 -12.22 -2.40 4.15
C ARG B 182 -12.20 -3.70 3.33
N TYR B 183 -12.43 -3.62 2.00
CA TYR B 183 -12.57 -4.82 1.15
C TYR B 183 -11.29 -5.16 0.37
N MET B 184 -10.21 -4.39 0.61
CA MET B 184 -8.97 -4.57 -0.19
C MET B 184 -8.32 -5.90 0.17
N ALA B 185 -7.93 -6.68 -0.85
CA ALA B 185 -7.18 -7.93 -0.71
C ALA B 185 -5.79 -7.66 -0.11
N PRO B 186 -5.17 -8.68 0.47
CA PRO B 186 -3.83 -8.51 1.05
C PRO B 186 -2.81 -7.92 0.04
N GLU B 187 -2.83 -8.39 -1.22
CA GLU B 187 -1.82 -7.97 -2.26
C GLU B 187 -2.13 -6.53 -2.67
N VAL B 188 -3.36 -6.00 -2.44
CA VAL B 188 -3.67 -4.57 -2.68
C VAL B 188 -3.10 -3.78 -1.50
N LEU B 189 -3.31 -4.27 -0.28
CA LEU B 189 -2.92 -3.52 0.94
C LEU B 189 -1.40 -3.48 1.07
N ASP B 190 -0.71 -4.50 0.61
CA ASP B 190 0.77 -4.53 0.76
C ASP B 190 1.38 -4.07 -0.56
N GLU B 191 0.53 -3.76 -1.56
CA GLU B 191 0.98 -3.18 -2.84
C GLU B 191 1.98 -4.10 -3.56
N THR B 192 1.87 -5.42 -3.42
CA THR B 192 2.68 -6.37 -4.18
C THR B 192 1.87 -6.94 -5.36
N ILE B 193 0.59 -6.60 -5.50
CA ILE B 193 -0.24 -7.05 -6.65
C ILE B 193 0.49 -6.84 -7.97
N GLN B 194 0.36 -7.83 -8.84
CA GLN B 194 1.05 -7.87 -10.15
C GLN B 194 0.21 -7.04 -11.12
N VAL B 195 0.53 -5.77 -11.33
CA VAL B 195 -0.40 -4.81 -12.00
C VAL B 195 -0.58 -5.12 -13.49
N ASP B 196 0.31 -5.91 -14.09
CA ASP B 196 0.24 -6.13 -15.57
C ASP B 196 -0.35 -7.51 -15.83
N CYS B 197 -1.00 -8.12 -14.83
CA CYS B 197 -1.56 -9.48 -14.87
CA CYS B 197 -1.59 -9.48 -14.95
C CYS B 197 -3.09 -9.40 -14.71
N PHE B 198 -3.87 -9.67 -15.75
CA PHE B 198 -5.33 -9.56 -15.60
C PHE B 198 -5.84 -10.45 -14.48
N ASP B 199 -5.34 -11.67 -14.36
CA ASP B 199 -5.81 -12.63 -13.34
C ASP B 199 -5.64 -12.02 -11.94
N SER B 200 -4.67 -11.15 -11.73
CA SER B 200 -4.51 -10.49 -10.41
C SER B 200 -5.79 -9.75 -10.05
N TYR B 201 -6.40 -9.03 -10.98
CA TYR B 201 -7.60 -8.21 -10.65
C TYR B 201 -8.78 -9.14 -10.41
N LYS B 202 -8.92 -10.24 -11.15
CA LYS B 202 -10.04 -11.17 -10.89
C LYS B 202 -9.89 -11.67 -9.45
N ARG B 203 -8.67 -11.97 -9.00
CA ARG B 203 -8.43 -12.56 -7.68
C ARG B 203 -8.75 -11.55 -6.58
N VAL B 204 -8.57 -10.28 -6.85
CA VAL B 204 -8.99 -9.21 -5.94
C VAL B 204 -10.50 -9.23 -5.77
N ASP B 205 -11.24 -9.38 -6.86
CA ASP B 205 -12.71 -9.47 -6.83
C ASP B 205 -13.14 -10.68 -6.01
N ILE B 206 -12.43 -11.79 -6.13
CA ILE B 206 -12.81 -13.00 -5.38
C ILE B 206 -12.67 -12.80 -3.88
N TRP B 207 -11.59 -12.15 -3.44
CA TRP B 207 -11.41 -11.79 -2.03
C TRP B 207 -12.61 -11.00 -1.55
N ALA B 208 -12.95 -9.95 -2.28
CA ALA B 208 -14.05 -9.04 -1.88
C ALA B 208 -15.37 -9.81 -1.89
N PHE B 209 -15.60 -10.67 -2.89
CA PHE B 209 -16.83 -11.47 -2.90
CA PHE B 209 -16.80 -11.53 -2.93
C PHE B 209 -16.88 -12.35 -1.64
N GLY B 210 -15.77 -12.95 -1.21
CA GLY B 210 -15.79 -13.72 0.05
C GLY B 210 -16.29 -12.88 1.19
N LEU B 211 -15.83 -11.64 1.30
CA LEU B 211 -16.29 -10.75 2.37
C LEU B 211 -17.80 -10.50 2.24
N VAL B 212 -18.32 -10.27 1.05
CA VAL B 212 -19.74 -10.04 0.83
C VAL B 212 -20.53 -11.31 1.19
N LEU B 213 -20.00 -12.50 0.86
N LEU B 213 -20.00 -12.49 0.88
CA LEU B 213 -20.66 -13.78 1.26
CA LEU B 213 -20.68 -13.75 1.24
C LEU B 213 -20.80 -13.78 2.77
C LEU B 213 -20.75 -13.90 2.76
N TRP B 214 -19.72 -13.48 3.49
CA TRP B 214 -19.73 -13.46 4.98
C TRP B 214 -20.80 -12.47 5.46
N GLU B 215 -20.87 -11.27 4.89
CA GLU B 215 -21.84 -10.26 5.36
C GLU B 215 -23.27 -10.81 5.25
N VAL B 216 -23.55 -11.48 4.14
CA VAL B 216 -24.88 -12.04 3.82
C VAL B 216 -25.17 -13.23 4.76
N ALA B 217 -24.23 -14.16 4.86
CA ALA B 217 -24.47 -15.40 5.63
C ALA B 217 -24.77 -15.09 7.08
N ARG B 218 -24.15 -14.09 7.66
CA ARG B 218 -24.42 -13.65 9.05
C ARG B 218 -25.90 -13.37 9.25
N ARG B 219 -26.61 -12.94 8.21
CA ARG B 219 -28.01 -12.53 8.30
C ARG B 219 -28.97 -13.69 8.00
N MET B 220 -28.47 -14.89 7.70
CA MET B 220 -29.32 -16.07 7.44
C MET B 220 -29.59 -16.74 8.79
N VAL B 221 -30.86 -16.92 9.12
CA VAL B 221 -31.26 -17.55 10.42
C VAL B 221 -30.99 -19.06 10.34
N SER B 222 -30.44 -19.62 11.40
CA SER B 222 -30.41 -21.09 11.58
C SER B 222 -30.68 -21.37 13.05
N ASN B 223 -31.57 -22.34 13.30
CA ASN B 223 -31.81 -22.80 14.68
C ASN B 223 -32.18 -21.62 15.61
N GLY B 224 -32.92 -20.65 15.08
CA GLY B 224 -33.40 -19.49 15.84
C GLY B 224 -32.31 -18.47 16.16
N ILE B 225 -31.14 -18.56 15.51
CA ILE B 225 -30.00 -17.66 15.84
C ILE B 225 -29.66 -16.90 14.54
N VAL B 226 -29.28 -15.64 14.70
CA VAL B 226 -28.75 -14.85 13.56
C VAL B 226 -27.74 -13.88 14.12
N GLU B 227 -26.78 -13.44 13.32
CA GLU B 227 -25.88 -12.35 13.77
C GLU B 227 -26.45 -11.00 13.34
N ASP B 228 -26.08 -9.95 14.06
CA ASP B 228 -26.38 -8.56 13.66
C ASP B 228 -25.56 -8.29 12.39
N TYR B 229 -26.06 -7.39 11.58
CA TYR B 229 -25.27 -6.87 10.43
C TYR B 229 -24.03 -6.22 10.98
N LYS B 230 -22.89 -6.60 10.40
CA LYS B 230 -21.60 -5.89 10.61
C LYS B 230 -20.83 -5.89 9.29
N PRO B 231 -20.07 -4.83 9.04
CA PRO B 231 -19.17 -4.81 7.90
C PRO B 231 -17.92 -5.64 8.18
N PRO B 232 -17.22 -6.10 7.12
CA PRO B 232 -16.02 -6.86 7.32
C PRO B 232 -14.99 -6.13 8.19
N PHE B 233 -14.42 -6.88 9.13
CA PHE B 233 -13.35 -6.42 10.04
C PHE B 233 -13.86 -5.38 11.04
N TYR B 234 -15.16 -5.32 11.29
CA TYR B 234 -15.81 -4.36 12.20
C TYR B 234 -15.12 -4.40 13.59
N ASP B 235 -14.67 -5.56 14.02
CA ASP B 235 -14.20 -5.82 15.41
C ASP B 235 -12.74 -5.43 15.60
N VAL B 236 -11.94 -5.27 14.52
CA VAL B 236 -10.45 -5.26 14.63
C VAL B 236 -9.85 -3.95 14.14
N VAL B 237 -10.61 -3.09 13.48
CA VAL B 237 -10.10 -1.80 12.98
C VAL B 237 -10.90 -0.65 13.54
N PRO B 238 -10.28 0.55 13.59
CA PRO B 238 -11.02 1.75 13.93
C PRO B 238 -12.19 2.02 13.00
N ASN B 239 -13.17 2.79 13.50
CA ASN B 239 -14.18 3.38 12.61
C ASN B 239 -13.45 4.15 11.49
N ASP B 240 -14.01 4.12 10.30
CA ASP B 240 -13.46 4.83 9.14
C ASP B 240 -11.99 4.42 8.97
N PRO B 241 -11.70 3.11 8.84
CA PRO B 241 -10.32 2.61 8.79
C PRO B 241 -9.52 3.18 7.62
N SER B 242 -8.29 3.49 7.91
CA SER B 242 -7.26 3.91 6.93
C SER B 242 -6.73 2.68 6.19
N PHE B 243 -6.07 2.96 5.08
CA PHE B 243 -5.30 1.98 4.33
C PHE B 243 -4.38 1.22 5.28
N GLU B 244 -3.61 1.95 6.10
CA GLU B 244 -2.64 1.28 6.98
C GLU B 244 -3.38 0.46 8.05
N ASP B 245 -4.54 0.94 8.53
CA ASP B 245 -5.35 0.17 9.53
C ASP B 245 -5.66 -1.21 8.94
N MET B 246 -6.13 -1.21 7.68
CA MET B 246 -6.51 -2.47 7.00
C MET B 246 -5.29 -3.34 6.73
N ARG B 247 -4.20 -2.73 6.29
CA ARG B 247 -2.95 -3.47 6.06
C ARG B 247 -2.49 -4.16 7.36
N LYS B 248 -2.64 -3.48 8.49
CA LYS B 248 -2.26 -4.09 9.78
C LYS B 248 -3.03 -5.40 10.00
N VAL B 249 -4.35 -5.35 9.88
CA VAL B 249 -5.14 -6.53 10.30
C VAL B 249 -5.02 -7.63 9.24
N VAL B 250 -5.09 -7.26 7.96
CA VAL B 250 -5.10 -8.28 6.87
C VAL B 250 -3.71 -8.85 6.61
N CYS B 251 -2.71 -8.00 6.51
CA CYS B 251 -1.37 -8.42 6.08
C CYS B 251 -0.46 -8.74 7.29
N VAL B 252 -0.39 -7.88 8.31
CA VAL B 252 0.49 -8.11 9.47
C VAL B 252 -0.14 -9.19 10.34
N ASP B 253 -1.39 -9.02 10.75
CA ASP B 253 -2.07 -9.87 11.75
C ASP B 253 -2.68 -11.11 11.08
N GLN B 254 -2.73 -11.17 9.76
CA GLN B 254 -3.34 -12.26 8.94
C GLN B 254 -4.78 -12.57 9.37
N GLN B 255 -5.54 -11.54 9.71
CA GLN B 255 -6.93 -11.69 10.21
C GLN B 255 -7.82 -12.04 9.01
N ARG B 256 -8.81 -12.87 9.28
CA ARG B 256 -9.94 -13.12 8.33
C ARG B 256 -11.21 -13.00 9.14
N PRO B 257 -12.36 -12.67 8.53
CA PRO B 257 -13.60 -12.65 9.30
C PRO B 257 -13.81 -13.99 10.03
N ASN B 258 -14.27 -13.87 11.27
CA ASN B 258 -14.53 -15.07 12.11
C ASN B 258 -15.83 -15.74 11.62
N ILE B 259 -15.83 -17.05 11.68
CA ILE B 259 -17.01 -17.88 11.37
C ILE B 259 -17.75 -18.14 12.67
N PRO B 260 -18.97 -17.61 12.88
CA PRO B 260 -19.71 -17.92 14.09
C PRO B 260 -19.87 -19.44 14.21
N ASN B 261 -19.67 -19.99 15.42
CA ASN B 261 -19.74 -21.46 15.57
C ASN B 261 -21.15 -21.98 15.30
N ARG B 262 -22.21 -21.18 15.49
CA ARG B 262 -23.58 -21.67 15.19
C ARG B 262 -23.71 -22.06 13.73
N TRP B 263 -22.89 -21.51 12.83
CA TRP B 263 -22.97 -21.92 11.41
C TRP B 263 -22.75 -23.43 11.21
N PHE B 264 -21.94 -24.06 12.03
CA PHE B 264 -21.49 -25.44 11.80
C PHE B 264 -22.63 -26.43 12.09
N SER B 265 -23.73 -25.98 12.71
CA SER B 265 -24.93 -26.84 12.91
C SER B 265 -25.79 -26.89 11.65
N ASP B 266 -25.63 -25.96 10.72
CA ASP B 266 -26.47 -25.79 9.51
C ASP B 266 -25.67 -26.18 8.26
N PRO B 267 -26.15 -27.12 7.43
CA PRO B 267 -25.39 -27.58 6.28
C PRO B 267 -25.09 -26.44 5.30
N THR B 268 -26.05 -25.53 5.11
CA THR B 268 -25.92 -24.44 4.14
C THR B 268 -24.79 -23.50 4.59
N LEU B 269 -24.86 -23.06 5.83
CA LEU B 269 -23.85 -22.14 6.36
C LEU B 269 -22.48 -22.84 6.46
N THR B 270 -22.45 -24.12 6.77
CA THR B 270 -21.18 -24.89 6.80
C THR B 270 -20.59 -24.83 5.40
N SER B 271 -21.36 -25.08 4.34
CA SER B 271 -20.86 -25.00 2.95
C SER B 271 -20.43 -23.58 2.62
N LEU B 272 -21.22 -22.58 3.02
CA LEU B 272 -20.82 -21.18 2.73
C LEU B 272 -19.52 -20.80 3.43
N ALA B 273 -19.32 -21.21 4.69
CA ALA B 273 -18.06 -20.94 5.41
C ALA B 273 -16.89 -21.53 4.61
N LYS B 274 -17.05 -22.74 4.08
CA LYS B 274 -15.97 -23.37 3.31
C LYS B 274 -15.70 -22.55 2.06
N LEU B 275 -16.75 -22.06 1.43
N LEU B 275 -16.74 -22.08 1.36
CA LEU B 275 -16.61 -21.33 0.18
CA LEU B 275 -16.56 -21.26 0.15
C LEU B 275 -15.94 -19.98 0.45
C LEU B 275 -15.80 -19.99 0.53
N MET B 276 -16.30 -19.27 1.53
CA MET B 276 -15.70 -17.94 1.77
C MET B 276 -14.23 -18.15 2.19
N LYS B 277 -13.87 -19.23 2.91
CA LYS B 277 -12.45 -19.50 3.26
C LYS B 277 -11.63 -19.70 1.97
N GLU B 278 -12.20 -20.25 0.90
CA GLU B 278 -11.47 -20.52 -0.37
C GLU B 278 -11.40 -19.24 -1.24
N CYS B 279 -12.02 -18.16 -0.79
CA CYS B 279 -11.86 -16.80 -1.38
C CYS B 279 -10.75 -16.00 -0.66
N TRP B 280 -10.25 -16.46 0.48
CA TRP B 280 -9.44 -15.66 1.42
C TRP B 280 -8.01 -16.14 1.57
N TYR B 281 -7.55 -17.05 0.74
CA TYR B 281 -6.14 -17.46 0.81
C TYR B 281 -5.26 -16.24 0.58
N GLN B 282 -4.17 -16.08 1.35
CA GLN B 282 -3.19 -14.99 1.07
C GLN B 282 -2.60 -15.21 -0.34
N ASN B 283 -2.37 -16.45 -0.76
CA ASN B 283 -1.90 -16.77 -2.13
C ASN B 283 -3.05 -16.50 -3.09
N PRO B 284 -3.01 -15.44 -3.93
CA PRO B 284 -4.16 -15.14 -4.79
C PRO B 284 -4.50 -16.28 -5.73
N SER B 285 -3.48 -17.00 -6.24
N SER B 285 -3.48 -17.00 -6.22
CA SER B 285 -3.67 -18.09 -7.22
CA SER B 285 -3.65 -18.11 -7.20
C SER B 285 -4.38 -19.30 -6.59
C SER B 285 -4.38 -19.31 -6.58
N ALA B 286 -4.44 -19.40 -5.25
CA ALA B 286 -5.16 -20.48 -4.54
C ALA B 286 -6.67 -20.23 -4.51
N ARG B 287 -7.10 -18.98 -4.71
CA ARG B 287 -8.53 -18.63 -4.56
C ARG B 287 -9.37 -19.29 -5.66
N LEU B 288 -10.63 -19.57 -5.35
CA LEU B 288 -11.60 -20.08 -6.34
C LEU B 288 -11.79 -19.02 -7.42
N THR B 289 -12.24 -19.46 -8.59
CA THR B 289 -12.72 -18.61 -9.67
C THR B 289 -14.19 -18.30 -9.46
N ALA B 290 -14.65 -17.23 -10.11
CA ALA B 290 -16.04 -16.85 -10.04
C ALA B 290 -16.92 -17.93 -10.63
N LEU B 291 -16.47 -18.57 -11.70
CA LEU B 291 -17.28 -19.68 -12.30
C LEU B 291 -17.40 -20.84 -11.30
N ARG B 292 -16.35 -21.18 -10.58
CA ARG B 292 -16.38 -22.30 -9.62
C ARG B 292 -17.32 -21.91 -8.48
N ILE B 293 -17.28 -20.64 -8.05
CA ILE B 293 -18.20 -20.21 -6.96
C ILE B 293 -19.63 -20.36 -7.45
N LYS B 294 -19.92 -19.90 -8.66
CA LYS B 294 -21.29 -19.99 -9.22
C LYS B 294 -21.74 -21.45 -9.25
N LYS B 295 -20.84 -22.34 -9.71
CA LYS B 295 -21.21 -23.77 -9.82
C LYS B 295 -21.46 -24.35 -8.45
N THR B 296 -20.61 -24.04 -7.47
CA THR B 296 -20.75 -24.52 -6.07
C THR B 296 -22.08 -24.03 -5.45
N LEU B 297 -22.43 -22.76 -5.65
CA LEU B 297 -23.69 -22.20 -5.11
C LEU B 297 -24.90 -22.78 -5.81
N THR B 298 -24.77 -23.18 -7.08
CA THR B 298 -25.87 -23.81 -7.84
C THR B 298 -26.18 -25.17 -7.19
N LYS B 299 -25.16 -25.83 -6.65
CA LYS B 299 -25.32 -27.20 -6.08
C LYS B 299 -25.73 -27.14 -4.60
N ILE B 300 -25.41 -26.07 -3.85
CA ILE B 300 -25.68 -25.96 -2.39
C ILE B 300 -27.18 -25.72 -2.23
N ASP B 301 -27.81 -26.34 -1.25
CA ASP B 301 -29.21 -26.06 -0.83
C ASP B 301 -29.23 -25.87 0.69
C10 LU8 C . 20.29 12.96 16.96
C10 LU8 C . 20.51 12.66 16.71
C13 LU8 C . 23.34 11.30 18.55
C13 LU8 C . 23.63 10.72 17.82
C15 LU8 C . 24.17 10.89 20.82
C15 LU8 C . 24.73 10.54 20.13
C17 LU8 C . 25.86 11.49 22.62
C17 LU8 C . 27.03 11.00 21.15
C20 LU8 C . 24.59 9.48 22.84
C20 LU8 C . 26.43 8.77 20.64
C21 LU8 C . 23.54 9.92 21.81
C21 LU8 C . 25.33 9.20 19.69
C22 LU8 C . 21.98 12.17 20.31
C22 LU8 C . 22.70 11.86 19.69
C24 LU8 C . 20.57 13.40 15.64
C24 LU8 C . 20.68 13.17 15.45
C26 LU8 C . 20.23 13.42 12.42
C26 LU8 C . 20.29 13.45 12.43
C01 LU8 C . 18.43 18.15 12.19
C01 LU8 C . 18.46 18.03 12.31
C03 LU8 C . 19.39 15.95 11.69
C03 LU8 C . 19.40 15.94 11.68
C04 LU8 C . 19.23 15.48 13.00
C04 LU8 C . 19.23 15.49 13.00
C05 LU8 C . 19.65 14.23 13.39
C05 LU8 C . 19.69 14.24 13.37
C06 LU8 C . 19.50 13.75 14.80
C06 LU8 C . 19.56 13.68 14.75
C07 LU8 C . 18.19 13.71 15.31
C07 LU8 C . 18.33 13.70 15.39
C09 LU8 C . 18.96 12.92 17.37
C09 LU8 C . 19.24 12.68 17.27
C11 LU8 C . 21.30 12.48 17.98
C11 LU8 C . 21.64 12.09 17.53
C12 LU8 C . 22.42 11.76 17.59
C12 LU8 C . 22.61 11.22 16.99
C14 LU8 C . 23.12 11.46 19.89
C14 LU8 C . 23.68 11.06 19.17
C16 LU8 C . 25.02 11.99 21.44
C16 LU8 C . 25.85 11.58 20.33
C19 LU8 C . 23.92 11.49 24.14
C19 LU8 C . 27.92 9.90 19.15
C23 LU8 C . 21.06 12.65 19.35
C23 LU8 C . 21.68 12.39 18.87
C25 LU8 C . 22.01 13.53 15.15
C25 LU8 C . 22.07 13.21 14.86
C27 LU8 C . 20.40 13.85 11.10
C27 LU8 C . 20.46 13.89 11.14
C29 LU8 C . 21.59 11.82 10.24
C29 LU8 C . 21.47 11.78 10.64
C30 LU8 C . 20.01 15.13 10.76
C30 LU8 C . 20.04 15.14 10.77
C32 LU8 C . 19.04 15.50 8.62
C32 LU8 C . 19.06 15.51 8.63
N08 LU8 C . 17.95 13.27 16.56
N08 LU8 C . 18.18 13.18 16.62
N18 LU8 C . 25.04 10.69 23.54
N18 LU8 C . 27.51 9.75 20.56
O02 LU8 C . 18.99 17.20 11.27
O02 LU8 C . 18.98 17.18 11.28
O28 LU8 C . 20.97 13.12 10.06
O28 LU8 C . 21.06 13.08 10.21
O31 LU8 C . 20.17 15.56 9.47
O31 LU8 C . 20.20 15.57 9.47
C1 EDO D . 8.90 10.91 12.72
O1 EDO D . 8.06 11.51 13.74
C2 EDO D . 10.23 10.68 13.29
O2 EDO D . 10.88 11.89 13.74
C1 EDO E . 33.68 -10.26 1.98
O1 EDO E . 34.75 -10.59 2.89
C2 EDO E . 33.37 -8.80 1.89
O2 EDO E . 33.25 -8.04 3.14
C1 EDO F . 39.09 -3.04 -13.74
O1 EDO F . 37.73 -2.98 -14.12
C2 EDO F . 39.84 -3.94 -14.64
O2 EDO F . 40.18 -5.16 -14.01
C1 EDO G . 37.26 -0.19 7.65
O1 EDO G . 36.81 -0.83 6.46
C2 EDO G . 37.78 -1.01 8.74
O2 EDO G . 38.68 -2.06 8.41
S DMS H . 4.76 16.64 17.49
O DMS H . 4.65 18.03 16.82
C1 DMS H . 3.29 16.43 18.46
C2 DMS H . 4.45 15.43 16.23
O1 TLA I . 23.97 37.53 12.25
O11 TLA I . 24.35 39.61 12.91
C1 TLA I . 24.67 38.41 12.77
C2 TLA I . 26.04 37.99 13.31
O2 TLA I . 26.63 39.03 14.06
C3 TLA I . 26.95 37.57 12.15
O3 TLA I . 27.61 38.70 11.60
C4 TLA I . 27.97 36.50 12.59
O4 TLA I . 27.83 35.99 13.71
O41 TLA I . 28.85 36.19 11.76
C10 LU8 J . 4.29 29.88 14.44
C13 LU8 J . 1.53 28.84 12.16
C15 LU8 J . -0.42 29.91 11.17
C17 LU8 J . -2.89 29.84 11.13
C20 LU8 J . -1.76 30.74 9.21
C21 LU8 J . -0.45 30.91 10.04
C22 LU8 J . 1.24 31.13 12.71
C24 LU8 J . 5.52 29.54 13.86
C26 LU8 J . 8.47 30.39 13.28
C01 LU8 J . 10.74 26.55 15.64
C03 LU8 J . 10.30 28.60 14.38
C04 LU8 J . 8.99 28.53 14.83
C05 LU8 J . 8.07 29.41 14.27
C06 LU8 J . 6.63 29.57 14.68
C07 LU8 J . 6.50 30.08 15.99
C09 LU8 J . 4.24 30.33 15.74
C11 LU8 J . 3.09 29.87 13.65
C12 LU8 J . 2.65 28.77 12.96
C14 LU8 J . 0.80 30.01 12.05
C16 LU8 J . -1.67 30.08 12.02
C19 LU8 J . -4.22 30.69 9.29
C23 LU8 J . 2.38 31.08 13.53
C25 LU8 J . 5.64 29.02 12.46
C27 LU8 J . 9.79 30.41 12.83
C29 LU8 J . 9.37 32.12 11.15
C30 LU8 J . 10.70 29.50 13.39
C32 LU8 J . 12.49 28.48 12.15
N08 LU8 J . 5.31 30.39 16.51
N18 LU8 J . -2.97 30.86 10.07
O02 LU8 J . 11.24 27.71 14.91
O28 LU8 J . 10.30 31.28 11.89
O31 LU8 J . 12.02 29.54 13.01
C10 LU8 K . 0.41 26.72 14.83
C13 LU8 K . -3.06 26.71 13.43
C15 LU8 K . -3.86 25.92 11.07
C17 LU8 K . -6.24 24.96 10.81
C20 LU8 K . -5.23 26.38 9.10
C21 LU8 K . -4.23 27.00 10.08
C22 LU8 K . -1.54 25.88 11.72
C24 LU8 K . 1.47 25.79 15.05
C26 LU8 K . 4.64 24.91 15.13
C01 LU8 K . 3.77 22.40 19.31
C03 LU8 K . 4.69 23.25 17.32
C04 LU8 K . 3.69 24.23 17.21
C05 LU8 K . 3.62 25.04 16.12
C06 LU8 K . 2.50 26.06 15.92
C07 LU8 K . 2.55 27.28 16.54
C09 LU8 K . 0.55 27.89 15.53
C11 LU8 K . -0.76 26.53 13.96
C12 LU8 K . -2.07 26.91 14.35
C14 LU8 K . -2.85 26.24 12.10
C16 LU8 K . -5.07 25.27 11.76
C19 LU8 K . -7.08 27.25 10.43
C23 LU8 K . -0.53 26.05 12.64
C25 LU8 K . 1.40 24.41 14.41
C27 LU8 K . 5.63 24.00 15.25
C29 LU8 K . 6.71 24.58 13.14
C30 LU8 K . 5.64 23.13 16.31
C32 LU8 K . 7.88 22.41 16.95
N08 LU8 K . 1.56 28.14 16.36
N18 LU8 K . -6.47 26.03 9.82
O02 LU8 K . 4.85 22.41 18.36
O28 LU8 K . 6.62 23.75 14.31
O31 LU8 K . 6.59 22.15 16.41
O01 XJY L . 16.32 14.71 7.22
B02 XJY L . 15.19 14.51 6.63
O03 XJY L . 14.41 15.58 6.30
C04 XJY L . 14.31 13.69 7.54
C05 XJY L . 14.17 14.69 8.65
C06 XJY L . 13.07 15.33 7.82
C07 XJY L . 12.95 14.05 7.03
S SO4 M . 11.54 9.35 20.56
O1 SO4 M . 10.75 9.92 19.52
O2 SO4 M . 10.90 8.13 20.99
O3 SO4 M . 12.84 9.07 20.04
O4 SO4 M . 11.69 10.23 21.70
S SO4 N . 32.07 -18.06 10.19
O1 SO4 N . 31.13 -18.71 9.31
O2 SO4 N . 31.69 -18.47 11.52
O3 SO4 N . 32.00 -16.68 10.08
O4 SO4 N . 33.41 -18.58 9.98
S SO4 O . 34.03 5.34 6.12
O1 SO4 O . 33.12 4.58 5.32
O2 SO4 O . 35.15 4.48 6.52
O3 SO4 O . 33.37 5.86 7.33
O4 SO4 O . 34.55 6.48 5.36
C1 EDO P . 3.09 11.90 2.85
O1 EDO P . 4.29 11.77 3.60
C2 EDO P . 3.16 12.82 1.73
O2 EDO P . 2.40 13.98 2.00
C1 EDO Q . -1.32 35.80 10.10
O1 EDO Q . -2.12 36.16 11.21
C2 EDO Q . -0.62 34.52 10.32
O2 EDO Q . -0.11 34.38 11.63
C1 EDO R . 24.73 -23.71 16.09
O1 EDO R . 23.65 -24.55 16.50
C2 EDO R . 24.43 -22.24 16.04
O2 EDO R . 25.37 -21.45 16.72
C1 EDO S . 31.41 13.20 8.31
O1 EDO S . 32.66 13.45 8.90
C2 EDO S . 31.33 13.73 6.94
O2 EDO S . 30.01 14.06 6.51
C1 EDO T . 35.76 -10.14 13.06
O1 EDO T . 36.14 -10.56 11.74
C2 EDO T . 34.35 -9.62 13.20
O2 EDO T . 33.31 -10.52 12.77
C10 LU8 U . -30.19 3.16 -5.50
C13 LU8 U . -32.33 4.19 -2.57
C15 LU8 U . -32.01 4.09 -0.14
C17 LU8 U . -31.92 3.28 2.27
C20 LU8 U . -32.00 5.68 1.78
C21 LU8 U . -31.50 5.43 0.34
C22 LU8 U . -30.25 3.30 -1.74
C24 LU8 U . -28.91 3.52 -6.03
C26 LU8 U . -26.19 2.86 -7.42
C01 LU8 U . -26.84 5.86 -11.45
C03 LU8 U . -25.92 4.42 -9.66
C04 LU8 U . -27.20 4.22 -9.13
C05 LU8 U . -27.35 3.44 -7.99
C06 LU8 U . -28.68 3.18 -7.40
C07 LU8 U . -29.64 2.61 -8.19
C09 LU8 U . -31.11 2.60 -6.36
C11 LU8 U . -30.63 3.42 -4.09
C12 LU8 U . -31.89 3.96 -3.88
C14 LU8 U . -31.50 3.87 -1.54
C16 LU8 U . -31.49 3.02 0.81
C19 LU8 U . -30.09 4.78 2.98
C23 LU8 U . -29.80 3.09 -3.02
C25 LU8 U . -27.88 4.21 -5.13
C27 LU8 U . -24.92 3.06 -8.00
C29 LU8 U . -23.84 1.81 -6.30
C30 LU8 U . -24.79 3.85 -9.10
C32 LU8 U . -23.18 3.26 -10.70
N08 LU8 U . -30.85 2.33 -7.66
N18 LU8 U . -31.54 4.63 2.72
O02 LU8 U . -25.74 5.18 -10.83
O28 LU8 U . -23.73 2.55 -7.49
O31 LU8 U . -23.56 4.12 -9.64
S SO4 V . -36.68 -3.72 -9.47
O1 SO4 V . -37.69 -2.73 -9.39
O2 SO4 V . -37.25 -5.05 -9.33
O3 SO4 V . -35.98 -3.69 -10.77
O4 SO4 V . -35.71 -3.50 -8.43
C1 EDO W . -11.15 -11.35 12.85
O1 EDO W . -11.44 -10.92 14.25
C2 EDO W . -11.43 -10.29 11.81
O2 EDO W . -12.72 -9.59 11.87
S DMS X . -17.53 -29.45 -13.05
O DMS X . -18.41 -28.70 -12.08
C1 DMS X . -16.70 -28.23 -14.05
C2 DMS X . -16.12 -30.04 -12.13
S SO4 Y . -18.56 8.46 0.66
O1 SO4 Y . -19.86 8.01 0.26
O2 SO4 Y . -18.25 7.91 1.96
O3 SO4 Y . -18.54 9.90 0.74
O4 SO4 Y . -17.56 8.01 -0.28
S SO4 Z . -13.02 4.33 1.44
O1 SO4 Z . -14.46 4.21 1.41
O2 SO4 Z . -12.48 3.05 1.69
O3 SO4 Z . -12.54 4.83 0.17
O4 SO4 Z . -12.61 5.22 2.53
C1 EDO AA . -30.20 -5.40 -13.86
O1 EDO AA . -29.77 -5.78 -15.27
C2 EDO AA . -31.10 -4.21 -13.78
O2 EDO AA . -30.66 -3.04 -13.45
C1 EDO BA . -2.13 -18.74 1.93
O1 EDO BA . -2.59 -19.17 0.65
C2 EDO BA . -2.67 -19.52 3.08
O2 EDO BA . -3.90 -19.01 3.57
C1 EDO CA . -35.29 -15.04 13.96
O1 EDO CA . -35.20 -16.39 14.37
C2 EDO CA . -34.29 -14.20 14.66
O2 EDO CA . -33.44 -14.96 15.51
#